data_1DA2
# 
_entry.id   1DA2 
# 
_audit_conform.dict_name       mmcif_pdbx.dic 
_audit_conform.dict_version    5.385 
_audit_conform.dict_location   http://mmcif.pdb.org/dictionaries/ascii/mmcif_pdbx.dic 
# 
loop_
_database_2.database_id 
_database_2.database_code 
_database_2.pdbx_database_accession 
_database_2.pdbx_DOI 
PDB   1DA2         pdb_00001da2 10.2210/pdb1da2/pdb 
RCSB  ZDFB25       ?            ?                   
WWPDB D_1000172697 ?            ?                   
# 
loop_
_pdbx_audit_revision_history.ordinal 
_pdbx_audit_revision_history.data_content_type 
_pdbx_audit_revision_history.major_revision 
_pdbx_audit_revision_history.minor_revision 
_pdbx_audit_revision_history.revision_date 
1 'Structure model' 1 0 1993-07-15 
2 'Structure model' 1 1 2008-05-22 
3 'Structure model' 1 2 2011-07-13 
4 'Structure model' 1 3 2024-02-07 
# 
_pdbx_audit_revision_details.ordinal             1 
_pdbx_audit_revision_details.revision_ordinal    1 
_pdbx_audit_revision_details.data_content_type   'Structure model' 
_pdbx_audit_revision_details.provider            repository 
_pdbx_audit_revision_details.type                'Initial release' 
_pdbx_audit_revision_details.description         ? 
_pdbx_audit_revision_details.details             ? 
# 
loop_
_pdbx_audit_revision_group.ordinal 
_pdbx_audit_revision_group.revision_ordinal 
_pdbx_audit_revision_group.data_content_type 
_pdbx_audit_revision_group.group 
1 2 'Structure model' 'Version format compliance' 
2 3 'Structure model' 'Version format compliance' 
3 4 'Structure model' 'Data collection'           
4 4 'Structure model' 'Database references'       
5 4 'Structure model' 'Derived calculations'      
# 
loop_
_pdbx_audit_revision_category.ordinal 
_pdbx_audit_revision_category.revision_ordinal 
_pdbx_audit_revision_category.data_content_type 
_pdbx_audit_revision_category.category 
1 4 'Structure model' chem_comp_atom 
2 4 'Structure model' chem_comp_bond 
3 4 'Structure model' database_2     
4 4 'Structure model' struct_conn    
# 
loop_
_pdbx_audit_revision_item.ordinal 
_pdbx_audit_revision_item.revision_ordinal 
_pdbx_audit_revision_item.data_content_type 
_pdbx_audit_revision_item.item 
1 4 'Structure model' '_database_2.pdbx_DOI'                
2 4 'Structure model' '_database_2.pdbx_database_accession' 
3 4 'Structure model' '_struct_conn.pdbx_leaving_atom_flag' 
# 
_pdbx_database_status.status_code                     REL 
_pdbx_database_status.entry_id                        1DA2 
_pdbx_database_status.recvd_initial_deposition_date   1992-10-17 
_pdbx_database_status.deposit_site                    BNL 
_pdbx_database_status.process_site                    NDB 
_pdbx_database_status.SG_entry                        . 
_pdbx_database_status.pdb_format_compatible           Y 
_pdbx_database_status.status_code_mr                  ? 
_pdbx_database_status.status_code_sf                  ? 
_pdbx_database_status.status_code_cs                  ? 
_pdbx_database_status.status_code_nmr_data            ? 
_pdbx_database_status.methods_development_category    ? 
# 
loop_
_audit_author.name 
_audit_author.pdbx_ordinal 
'Van Meervelt, L.' 1 
'Moore, M.H.'      2 
'Lin, P.K.T.'      3 
'Brown, D.M.'      4 
'Kennard, O.'      5 
# 
_citation.id                        primary 
_citation.title                     
'Molecular and crystal structure of d(CGCGmo4CG): N4-methoxycytosine.guanine base-pairs in Z-DNA.' 
_citation.journal_abbrev            J.Mol.Biol. 
_citation.journal_volume            216 
_citation.page_first                773 
_citation.page_last                 781 
_citation.year                      1990 
_citation.journal_id_ASTM           JMOBAK 
_citation.country                   UK 
_citation.journal_id_ISSN           0022-2836 
_citation.journal_id_CSD            0070 
_citation.book_publisher            ? 
_citation.pdbx_database_id_PubMed   2258939 
_citation.pdbx_database_id_DOI      '10.1016/0022-2836(90)90398-6' 
# 
loop_
_citation_author.citation_id 
_citation_author.name 
_citation_author.ordinal 
_citation_author.identifier_ORCID 
primary 'Van Meervelt, L.' 1 ? 
primary 'Moore, M.H.'      2 ? 
primary 'Lin, P.K.'        3 ? 
primary 'Brown, D.M.'      4 ? 
primary 'Kennard, O.'      5 ? 
# 
loop_
_entity.id 
_entity.type 
_entity.src_method 
_entity.pdbx_description 
_entity.formula_weight 
_entity.pdbx_number_of_molecules 
_entity.pdbx_ec 
_entity.pdbx_mutation 
_entity.pdbx_fragment 
_entity.details 
1 polymer syn 
;DNA (5'-D(*CP*GP*CP*GP*(C45)P*G)-3')
;
1840.231 2  ? ? ? ? 
2 water   nat water                                  18.015   67 ? ? ? ? 
# 
_entity_poly.entity_id                      1 
_entity_poly.type                           polydeoxyribonucleotide 
_entity_poly.nstd_linkage                   no 
_entity_poly.nstd_monomer                   yes 
_entity_poly.pdbx_seq_one_letter_code       '(DC)(DG)(DC)(DG)(C45)(DG)' 
_entity_poly.pdbx_seq_one_letter_code_can   CGCGCG 
_entity_poly.pdbx_strand_id                 A,B 
_entity_poly.pdbx_target_identifier         ? 
# 
_pdbx_entity_nonpoly.entity_id   2 
_pdbx_entity_nonpoly.name        water 
_pdbx_entity_nonpoly.comp_id     HOH 
# 
loop_
_entity_poly_seq.entity_id 
_entity_poly_seq.num 
_entity_poly_seq.mon_id 
_entity_poly_seq.hetero 
1 1 DC  n 
1 2 DG  n 
1 3 DC  n 
1 4 DG  n 
1 5 C45 n 
1 6 DG  n 
# 
loop_
_chem_comp.id 
_chem_comp.type 
_chem_comp.mon_nstd_flag 
_chem_comp.name 
_chem_comp.pdbx_synonyms 
_chem_comp.formula 
_chem_comp.formula_weight 
C45 'DNA linking' n "N4-METHOXY-2'-DEOXY-CYTIDINE-5'-MONOPHOSPHATE" ? 'C10 H16 N3 O8 P' 337.223 
DC  'DNA linking' y "2'-DEOXYCYTIDINE-5'-MONOPHOSPHATE"             ? 'C9 H14 N3 O7 P'  307.197 
DG  'DNA linking' y "2'-DEOXYGUANOSINE-5'-MONOPHOSPHATE"            ? 'C10 H14 N5 O7 P' 347.221 
HOH non-polymer   . WATER                                           ? 'H2 O'            18.015  
# 
loop_
_pdbx_poly_seq_scheme.asym_id 
_pdbx_poly_seq_scheme.entity_id 
_pdbx_poly_seq_scheme.seq_id 
_pdbx_poly_seq_scheme.mon_id 
_pdbx_poly_seq_scheme.ndb_seq_num 
_pdbx_poly_seq_scheme.pdb_seq_num 
_pdbx_poly_seq_scheme.auth_seq_num 
_pdbx_poly_seq_scheme.pdb_mon_id 
_pdbx_poly_seq_scheme.auth_mon_id 
_pdbx_poly_seq_scheme.pdb_strand_id 
_pdbx_poly_seq_scheme.pdb_ins_code 
_pdbx_poly_seq_scheme.hetero 
A 1 1 DC  1 1  1  DC  C  A . n 
A 1 2 DG  2 2  2  DG  G  A . n 
A 1 3 DC  3 3  3  DC  C  A . n 
A 1 4 DG  4 4  4  DG  G  A . n 
A 1 5 C45 5 5  5  C45 +C A . n 
A 1 6 DG  6 6  6  DG  G  A . n 
B 1 1 DC  1 7  7  DC  C  B . n 
B 1 2 DG  2 8  8  DG  G  B . n 
B 1 3 DC  3 9  9  DC  C  B . n 
B 1 4 DG  4 10 10 DG  G  B . n 
B 1 5 C45 5 11 11 C45 +C B . n 
B 1 6 DG  6 12 12 DG  G  B . n 
# 
loop_
_pdbx_nonpoly_scheme.asym_id 
_pdbx_nonpoly_scheme.entity_id 
_pdbx_nonpoly_scheme.mon_id 
_pdbx_nonpoly_scheme.ndb_seq_num 
_pdbx_nonpoly_scheme.pdb_seq_num 
_pdbx_nonpoly_scheme.auth_seq_num 
_pdbx_nonpoly_scheme.pdb_mon_id 
_pdbx_nonpoly_scheme.auth_mon_id 
_pdbx_nonpoly_scheme.pdb_strand_id 
_pdbx_nonpoly_scheme.pdb_ins_code 
C 2 HOH 1  13 13 HOH HOH A . 
C 2 HOH 2  14 14 HOH HOH A . 
C 2 HOH 3  15 15 HOH HOH A . 
C 2 HOH 4  16 16 HOH HOH A . 
C 2 HOH 5  18 18 HOH HOH A . 
C 2 HOH 6  19 19 HOH HOH A . 
C 2 HOH 7  20 20 HOH HOH A . 
C 2 HOH 8  24 24 HOH HOH A . 
C 2 HOH 9  25 25 HOH HOH A . 
C 2 HOH 10 27 27 HOH HOH A . 
C 2 HOH 11 33 33 HOH HOH A . 
C 2 HOH 12 35 35 HOH HOH A . 
C 2 HOH 13 38 38 HOH HOH A . 
C 2 HOH 14 39 39 HOH HOH A . 
C 2 HOH 15 41 41 HOH HOH A . 
C 2 HOH 16 43 43 HOH HOH A . 
C 2 HOH 17 44 44 HOH HOH A . 
C 2 HOH 18 45 45 HOH HOH A . 
C 2 HOH 19 47 47 HOH HOH A . 
C 2 HOH 20 50 50 HOH HOH A . 
C 2 HOH 21 51 51 HOH HOH A . 
C 2 HOH 22 52 52 HOH HOH A . 
C 2 HOH 23 54 54 HOH HOH A . 
C 2 HOH 24 57 57 HOH HOH A . 
C 2 HOH 25 58 58 HOH HOH A . 
C 2 HOH 26 59 59 HOH HOH A . 
C 2 HOH 27 61 61 HOH HOH A . 
C 2 HOH 28 63 63 HOH HOH A . 
C 2 HOH 29 64 64 HOH HOH A . 
C 2 HOH 30 67 67 HOH HOH A . 
C 2 HOH 31 68 68 HOH HOH A . 
C 2 HOH 32 70 70 HOH HOH A . 
C 2 HOH 33 72 72 HOH HOH A . 
C 2 HOH 34 73 73 HOH HOH A . 
D 2 HOH 1  17 17 HOH HOH B . 
D 2 HOH 2  21 21 HOH HOH B . 
D 2 HOH 3  22 22 HOH HOH B . 
D 2 HOH 4  23 23 HOH HOH B . 
D 2 HOH 5  26 26 HOH HOH B . 
D 2 HOH 6  28 28 HOH HOH B . 
D 2 HOH 7  29 29 HOH HOH B . 
D 2 HOH 8  30 30 HOH HOH B . 
D 2 HOH 9  31 31 HOH HOH B . 
D 2 HOH 10 32 32 HOH HOH B . 
D 2 HOH 11 34 34 HOH HOH B . 
D 2 HOH 12 36 36 HOH HOH B . 
D 2 HOH 13 37 37 HOH HOH B . 
D 2 HOH 14 40 40 HOH HOH B . 
D 2 HOH 15 42 42 HOH HOH B . 
D 2 HOH 16 46 46 HOH HOH B . 
D 2 HOH 17 48 48 HOH HOH B . 
D 2 HOH 18 49 49 HOH HOH B . 
D 2 HOH 19 53 53 HOH HOH B . 
D 2 HOH 20 55 55 HOH HOH B . 
D 2 HOH 21 56 56 HOH HOH B . 
D 2 HOH 22 60 60 HOH HOH B . 
D 2 HOH 23 62 62 HOH HOH B . 
D 2 HOH 24 65 65 HOH HOH B . 
D 2 HOH 25 66 66 HOH HOH B . 
D 2 HOH 26 69 69 HOH HOH B . 
D 2 HOH 27 71 71 HOH HOH B . 
D 2 HOH 28 74 74 HOH HOH B . 
D 2 HOH 29 75 75 HOH HOH B . 
D 2 HOH 30 76 76 HOH HOH B . 
D 2 HOH 31 77 77 HOH HOH B . 
D 2 HOH 32 78 78 HOH HOH B . 
D 2 HOH 33 79 79 HOH HOH B . 
# 
_software.name             NUCLSQ 
_software.classification   refinement 
_software.version          . 
_software.citation_id      ? 
_software.pdbx_ordinal     1 
# 
_cell.entry_id           1DA2 
_cell.length_a           18.170 
_cell.length_b           30.360 
_cell.length_c           43.930 
_cell.angle_alpha        90.00 
_cell.angle_beta         90.00 
_cell.angle_gamma        90.00 
_cell.Z_PDB              8 
_cell.pdbx_unique_axis   ? 
# 
_symmetry.entry_id                         1DA2 
_symmetry.space_group_name_H-M             'P 21 21 21' 
_symmetry.pdbx_full_space_group_name_H-M   ? 
_symmetry.cell_setting                     ? 
_symmetry.Int_Tables_number                19 
# 
_exptl.entry_id          1DA2 
_exptl.method            'X-RAY DIFFRACTION' 
_exptl.crystals_number   ? 
# 
_exptl_crystal.id                    1 
_exptl_crystal.density_meas          ? 
_exptl_crystal.density_Matthews      1.65 
_exptl_crystal.density_percent_sol   25.28 
_exptl_crystal.description           ? 
# 
_exptl_crystal_grow.crystal_id      1 
_exptl_crystal_grow.method          'VAPOR DIFFUSION' 
_exptl_crystal_grow.temp            ? 
_exptl_crystal_grow.temp_details    ? 
_exptl_crystal_grow.pH              6.50 
_exptl_crystal_grow.pdbx_details    'pH 6.50, VAPOR DIFFUSION' 
_exptl_crystal_grow.pdbx_pH_range   ? 
# 
loop_
_exptl_crystal_grow_comp.crystal_id 
_exptl_crystal_grow_comp.id 
_exptl_crystal_grow_comp.sol_id 
_exptl_crystal_grow_comp.name 
_exptl_crystal_grow_comp.volume 
_exptl_crystal_grow_comp.conc 
_exptl_crystal_grow_comp.details 
1 1 1 WATER           ? ? ? 
1 2 1 MPD             ? ? ? 
1 3 1 'NA CACODYLATE' ? ? ? 
1 4 1 MGCL2           ? ? ? 
1 5 1 SPERMINE        ? ? ? 
1 6 2 WATER           ? ? ? 
1 7 2 MPD             ? ? ? 
# 
_diffrn.id                     1 
_diffrn.ambient_temp           277.00 
_diffrn.ambient_temp_details   ? 
_diffrn.crystal_id             1 
# 
_diffrn_detector.diffrn_id              1 
_diffrn_detector.detector               DIFFRACTOMETER 
_diffrn_detector.type                   'SYNTEX P21' 
_diffrn_detector.pdbx_collection_date   ? 
_diffrn_detector.details                ? 
# 
_diffrn_radiation.diffrn_id                        1 
_diffrn_radiation.wavelength_id                    1 
_diffrn_radiation.pdbx_monochromatic_or_laue_m_l   ? 
_diffrn_radiation.monochromator                    ? 
_diffrn_radiation.pdbx_diffrn_protocol             ? 
_diffrn_radiation.pdbx_scattering_type             x-ray 
# 
_diffrn_radiation_wavelength.id           1 
_diffrn_radiation_wavelength.wavelength   . 
_diffrn_radiation_wavelength.wt           1.0 
# 
_reflns.entry_id                     1DA2 
_reflns.observed_criterion_sigma_I   ? 
_reflns.observed_criterion_sigma_F   ? 
_reflns.d_resolution_low             ? 
_reflns.d_resolution_high            ? 
_reflns.number_obs                   2944 
_reflns.number_all                   ? 
_reflns.percent_possible_obs         ? 
_reflns.pdbx_Rmerge_I_obs            ? 
_reflns.pdbx_Rsym_value              ? 
_reflns.pdbx_netI_over_sigmaI        ? 
_reflns.B_iso_Wilson_estimate        ? 
_reflns.pdbx_redundancy              ? 
_reflns.pdbx_diffrn_id               1 
_reflns.pdbx_ordinal                 1 
# 
_refine.entry_id                                 1DA2 
_refine.ls_number_reflns_obs                     2559 
_refine.ls_number_reflns_all                     ? 
_refine.pdbx_ls_sigma_I                          ? 
_refine.pdbx_ls_sigma_F                          ? 
_refine.pdbx_data_cutoff_high_absF               ? 
_refine.pdbx_data_cutoff_low_absF                ? 
_refine.pdbx_data_cutoff_high_rms_absF           ? 
_refine.ls_d_res_low                             10.000 
_refine.ls_d_res_high                            1.700 
_refine.ls_percent_reflns_obs                    ? 
_refine.ls_R_factor_obs                          0.181 
_refine.ls_R_factor_all                          ? 
_refine.ls_R_factor_R_work                       ? 
_refine.ls_R_factor_R_free                       ? 
_refine.ls_R_factor_R_free_error                 ? 
_refine.ls_R_factor_R_free_error_details         ? 
_refine.ls_percent_reflns_R_free                 ? 
_refine.ls_number_reflns_R_free                  ? 
_refine.ls_number_parameters                     ? 
_refine.ls_number_restraints                     ? 
_refine.occupancy_min                            ? 
_refine.occupancy_max                            ? 
_refine.B_iso_mean                               ? 
_refine.aniso_B[1][1]                            ? 
_refine.aniso_B[2][2]                            ? 
_refine.aniso_B[3][3]                            ? 
_refine.aniso_B[1][2]                            ? 
_refine.aniso_B[1][3]                            ? 
_refine.aniso_B[2][3]                            ? 
_refine.solvent_model_details                    ? 
_refine.solvent_model_param_ksol                 ? 
_refine.solvent_model_param_bsol                 ? 
_refine.pdbx_ls_cross_valid_method               ? 
_refine.details                                  ? 
_refine.pdbx_starting_model                      ? 
_refine.pdbx_method_to_determine_struct          ? 
_refine.pdbx_isotropic_thermal_model             ? 
_refine.pdbx_stereochemistry_target_values       ? 
_refine.pdbx_stereochem_target_val_spec_case     ? 
_refine.pdbx_R_Free_selection_details            ? 
_refine.pdbx_overall_ESU_R                       ? 
_refine.pdbx_overall_ESU_R_Free                  ? 
_refine.overall_SU_ML                            ? 
_refine.overall_SU_B                             ? 
_refine.pdbx_refine_id                           'X-RAY DIFFRACTION' 
_refine.pdbx_diffrn_id                           1 
_refine.pdbx_TLS_residual_ADP_flag               ? 
_refine.correlation_coeff_Fo_to_Fc               ? 
_refine.correlation_coeff_Fo_to_Fc_free          ? 
_refine.pdbx_solvent_vdw_probe_radii             ? 
_refine.pdbx_solvent_ion_probe_radii             ? 
_refine.pdbx_solvent_shrinkage_radii             ? 
_refine.pdbx_overall_phase_error                 ? 
_refine.overall_SU_R_Cruickshank_DPI             ? 
_refine.pdbx_overall_SU_R_free_Cruickshank_DPI   ? 
_refine.pdbx_overall_SU_R_Blow_DPI               ? 
_refine.pdbx_overall_SU_R_free_Blow_DPI          ? 
# 
_refine_hist.pdbx_refine_id                   'X-RAY DIFFRACTION' 
_refine_hist.cycle_id                         LAST 
_refine_hist.pdbx_number_atoms_protein        0 
_refine_hist.pdbx_number_atoms_nucleic_acid   240 
_refine_hist.pdbx_number_atoms_ligand         4 
_refine_hist.number_atoms_solvent             67 
_refine_hist.number_atoms_total               311 
_refine_hist.d_res_high                       1.700 
_refine_hist.d_res_low                        10.000 
# 
_struct.entry_id                  1DA2 
_struct.title                     'MOLECULAR AND CRYSTAL STRUCTURE OF D(CGCGMO4CG): N4-METHOXYCYTOSINE/GUANINE BASE-PAIRS IN Z-DNA' 
_struct.pdbx_model_details        ? 
_struct.pdbx_CASP_flag            ? 
_struct.pdbx_model_type_details   ? 
# 
_struct_keywords.entry_id        1DA2 
_struct_keywords.pdbx_keywords   DNA 
_struct_keywords.text            'Z-DNA, DOUBLE HELIX, MODIFIED, DNA' 
# 
loop_
_struct_asym.id 
_struct_asym.pdbx_blank_PDB_chainid_flag 
_struct_asym.pdbx_modified 
_struct_asym.entity_id 
_struct_asym.details 
A N N 1 ? 
B N N 1 ? 
C N N 2 ? 
D N N 2 ? 
# 
_struct_ref.id                         1 
_struct_ref.entity_id                  1 
_struct_ref.db_name                    PDB 
_struct_ref.db_code                    1DA2 
_struct_ref.pdbx_db_accession          1DA2 
_struct_ref.pdbx_db_isoform            ? 
_struct_ref.pdbx_seq_one_letter_code   ? 
_struct_ref.pdbx_align_begin           ? 
# 
loop_
_struct_ref_seq.align_id 
_struct_ref_seq.ref_id 
_struct_ref_seq.pdbx_PDB_id_code 
_struct_ref_seq.pdbx_strand_id 
_struct_ref_seq.seq_align_beg 
_struct_ref_seq.pdbx_seq_align_beg_ins_code 
_struct_ref_seq.seq_align_end 
_struct_ref_seq.pdbx_seq_align_end_ins_code 
_struct_ref_seq.pdbx_db_accession 
_struct_ref_seq.db_align_beg 
_struct_ref_seq.pdbx_db_align_beg_ins_code 
_struct_ref_seq.db_align_end 
_struct_ref_seq.pdbx_db_align_end_ins_code 
_struct_ref_seq.pdbx_auth_seq_align_beg 
_struct_ref_seq.pdbx_auth_seq_align_end 
1 1 1DA2 A 1 ? 6 ? 1DA2 1 ? 6  ? 1 6  
2 1 1DA2 B 1 ? 6 ? 1DA2 7 ? 12 ? 7 12 
# 
_pdbx_struct_assembly.id                   1 
_pdbx_struct_assembly.details              author_defined_assembly 
_pdbx_struct_assembly.method_details       ? 
_pdbx_struct_assembly.oligomeric_details   dimeric 
_pdbx_struct_assembly.oligomeric_count     2 
# 
_pdbx_struct_assembly_gen.assembly_id       1 
_pdbx_struct_assembly_gen.oper_expression   1 
_pdbx_struct_assembly_gen.asym_id_list      A,B,C,D 
# 
_pdbx_struct_oper_list.id                   1 
_pdbx_struct_oper_list.type                 'identity operation' 
_pdbx_struct_oper_list.name                 1_555 
_pdbx_struct_oper_list.symmetry_operation   x,y,z 
_pdbx_struct_oper_list.matrix[1][1]         1.0000000000 
_pdbx_struct_oper_list.matrix[1][2]         0.0000000000 
_pdbx_struct_oper_list.matrix[1][3]         0.0000000000 
_pdbx_struct_oper_list.vector[1]            0.0000000000 
_pdbx_struct_oper_list.matrix[2][1]         0.0000000000 
_pdbx_struct_oper_list.matrix[2][2]         1.0000000000 
_pdbx_struct_oper_list.matrix[2][3]         0.0000000000 
_pdbx_struct_oper_list.vector[2]            0.0000000000 
_pdbx_struct_oper_list.matrix[3][1]         0.0000000000 
_pdbx_struct_oper_list.matrix[3][2]         0.0000000000 
_pdbx_struct_oper_list.matrix[3][3]         1.0000000000 
_pdbx_struct_oper_list.vector[3]            0.0000000000 
# 
_struct_biol.id   1 
# 
loop_
_struct_conn.id 
_struct_conn.conn_type_id 
_struct_conn.pdbx_leaving_atom_flag 
_struct_conn.pdbx_PDB_id 
_struct_conn.ptnr1_label_asym_id 
_struct_conn.ptnr1_label_comp_id 
_struct_conn.ptnr1_label_seq_id 
_struct_conn.ptnr1_label_atom_id 
_struct_conn.pdbx_ptnr1_label_alt_id 
_struct_conn.pdbx_ptnr1_PDB_ins_code 
_struct_conn.pdbx_ptnr1_standard_comp_id 
_struct_conn.ptnr1_symmetry 
_struct_conn.ptnr2_label_asym_id 
_struct_conn.ptnr2_label_comp_id 
_struct_conn.ptnr2_label_seq_id 
_struct_conn.ptnr2_label_atom_id 
_struct_conn.pdbx_ptnr2_label_alt_id 
_struct_conn.pdbx_ptnr2_PDB_ins_code 
_struct_conn.ptnr1_auth_asym_id 
_struct_conn.ptnr1_auth_comp_id 
_struct_conn.ptnr1_auth_seq_id 
_struct_conn.ptnr2_auth_asym_id 
_struct_conn.ptnr2_auth_comp_id 
_struct_conn.ptnr2_auth_seq_id 
_struct_conn.ptnr2_symmetry 
_struct_conn.pdbx_ptnr3_label_atom_id 
_struct_conn.pdbx_ptnr3_label_seq_id 
_struct_conn.pdbx_ptnr3_label_comp_id 
_struct_conn.pdbx_ptnr3_label_asym_id 
_struct_conn.pdbx_ptnr3_label_alt_id 
_struct_conn.pdbx_ptnr3_PDB_ins_code 
_struct_conn.details 
_struct_conn.pdbx_dist_value 
_struct_conn.pdbx_value_order 
_struct_conn.pdbx_role 
covale1  covale both ? A DG  4 "O3'" ? ? ? 1_555 A C45 5 P  ? ? A DG  4  A C45 5  1_555 ? ? ? ? ? ? ?             1.584 ? ? 
covale2  covale one  ? A C45 5 "O3'" ? ? ? 1_555 A DG  6 P  ? ? A C45 5  A DG  6  1_555 ? ? ? ? ? ? ?             1.554 ? ? 
covale3  covale both ? B DG  4 "O3'" ? ? ? 1_555 B C45 5 P  ? ? B DG  10 B C45 11 1_555 ? ? ? ? ? ? ?             1.641 ? ? 
covale4  covale one  ? B C45 5 "O3'" ? ? ? 1_555 B DG  6 P  ? ? B C45 11 B DG  12 1_555 ? ? ? ? ? ? ?             1.598 ? ? 
hydrog1  hydrog ?    ? A DC  1 N3    ? ? ? 1_555 B DG  6 N1 ? ? A DC  1  B DG  12 1_555 ? ? ? ? ? ? WATSON-CRICK  ?     ? ? 
hydrog2  hydrog ?    ? A DC  1 N4    ? ? ? 1_555 B DG  6 O6 ? ? A DC  1  B DG  12 1_555 ? ? ? ? ? ? WATSON-CRICK  ?     ? ? 
hydrog3  hydrog ?    ? A DC  1 O2    ? ? ? 1_555 B DG  6 N2 ? ? A DC  1  B DG  12 1_555 ? ? ? ? ? ? WATSON-CRICK  ?     ? ? 
hydrog4  hydrog ?    ? A DG  2 N1    ? ? ? 1_555 B C45 5 O2 ? ? A DG  2  B C45 11 1_555 ? ? ? ? ? ? 'DG-C45 PAIR' ?     ? ? 
hydrog5  hydrog ?    ? A DC  3 N3    ? ? ? 1_555 B DG  4 N1 ? ? A DC  3  B DG  10 1_555 ? ? ? ? ? ? WATSON-CRICK  ?     ? ? 
hydrog6  hydrog ?    ? A DC  3 N4    ? ? ? 1_555 B DG  4 O6 ? ? A DC  3  B DG  10 1_555 ? ? ? ? ? ? WATSON-CRICK  ?     ? ? 
hydrog7  hydrog ?    ? A DC  3 O2    ? ? ? 1_555 B DG  4 N2 ? ? A DC  3  B DG  10 1_555 ? ? ? ? ? ? WATSON-CRICK  ?     ? ? 
hydrog8  hydrog ?    ? A DG  4 N1    ? ? ? 1_555 B DC  3 N3 ? ? A DG  4  B DC  9  1_555 ? ? ? ? ? ? WATSON-CRICK  ?     ? ? 
hydrog9  hydrog ?    ? A DG  4 N2    ? ? ? 1_555 B DC  3 O2 ? ? A DG  4  B DC  9  1_555 ? ? ? ? ? ? WATSON-CRICK  ?     ? ? 
hydrog10 hydrog ?    ? A DG  4 O6    ? ? ? 1_555 B DC  3 N4 ? ? A DG  4  B DC  9  1_555 ? ? ? ? ? ? WATSON-CRICK  ?     ? ? 
hydrog11 hydrog ?    ? A C45 5 O2    ? ? ? 1_555 B DG  2 N1 ? ? A C45 5  B DG  8  1_555 ? ? ? ? ? ? 'C45-DG PAIR' ?     ? ? 
hydrog12 hydrog ?    ? A DG  6 N1    ? ? ? 1_555 B DC  1 N3 ? ? A DG  6  B DC  7  1_555 ? ? ? ? ? ? WATSON-CRICK  ?     ? ? 
hydrog13 hydrog ?    ? A DG  6 N2    ? ? ? 1_555 B DC  1 O2 ? ? A DG  6  B DC  7  1_555 ? ? ? ? ? ? WATSON-CRICK  ?     ? ? 
hydrog14 hydrog ?    ? A DG  6 O6    ? ? ? 1_555 B DC  1 N4 ? ? A DG  6  B DC  7  1_555 ? ? ? ? ? ? WATSON-CRICK  ?     ? ? 
# 
loop_
_struct_conn_type.id 
_struct_conn_type.criteria 
_struct_conn_type.reference 
covale ? ? 
hydrog ? ? 
# 
loop_
_pdbx_validate_rmsd_bond.id 
_pdbx_validate_rmsd_bond.PDB_model_num 
_pdbx_validate_rmsd_bond.auth_atom_id_1 
_pdbx_validate_rmsd_bond.auth_asym_id_1 
_pdbx_validate_rmsd_bond.auth_comp_id_1 
_pdbx_validate_rmsd_bond.auth_seq_id_1 
_pdbx_validate_rmsd_bond.PDB_ins_code_1 
_pdbx_validate_rmsd_bond.label_alt_id_1 
_pdbx_validate_rmsd_bond.auth_atom_id_2 
_pdbx_validate_rmsd_bond.auth_asym_id_2 
_pdbx_validate_rmsd_bond.auth_comp_id_2 
_pdbx_validate_rmsd_bond.auth_seq_id_2 
_pdbx_validate_rmsd_bond.PDB_ins_code_2 
_pdbx_validate_rmsd_bond.label_alt_id_2 
_pdbx_validate_rmsd_bond.bond_value 
_pdbx_validate_rmsd_bond.bond_target_value 
_pdbx_validate_rmsd_bond.bond_deviation 
_pdbx_validate_rmsd_bond.bond_standard_deviation 
_pdbx_validate_rmsd_bond.linker_flag 
1  1 "O3'" A DC 1  ? ? P     A DG 2  ? ? 1.758 1.607 0.151  0.012 Y 
2  1 P     A DG 2  ? ? "O5'" A DG 2  ? ? 1.751 1.593 0.158  0.010 N 
3  1 "O5'" A DG 2  ? ? "C5'" A DG 2  ? ? 1.225 1.418 -0.193 0.025 N 
4  1 "C4'" A DG 2  ? ? "C3'" A DG 2  ? ? 1.658 1.529 0.129  0.010 N 
5  1 "C3'" A DG 2  ? ? "C2'" A DG 2  ? ? 1.451 1.516 -0.065 0.008 N 
6  1 "C2'" A DG 2  ? ? "C1'" A DG 2  ? ? 1.421 1.518 -0.097 0.010 N 
7  1 "O4'" A DG 2  ? ? "C1'" A DG 2  ? ? 1.546 1.420 0.126  0.011 N 
8  1 "O4'" A DG 2  ? ? "C4'" A DG 2  ? ? 1.268 1.446 -0.178 0.010 N 
9  1 "O3'" A DG 2  ? ? "C3'" A DG 2  ? ? 1.379 1.419 -0.040 0.006 N 
10 1 N1    A DG 2  ? ? C2    A DG 2  ? ? 1.442 1.373 0.069  0.008 N 
11 1 N3    A DG 2  ? ? C4    A DG 2  ? ? 1.414 1.350 0.064  0.007 N 
12 1 C6    A DG 2  ? ? N1    A DG 2  ? ? 1.344 1.391 -0.047 0.007 N 
13 1 C8    A DG 2  ? ? N9    A DG 2  ? ? 1.427 1.374 0.053  0.007 N 
14 1 P     A DC 3  ? ? OP1   A DC 3  ? ? 1.628 1.485 0.143  0.017 N 
15 1 "C5'" A DC 3  ? ? "C4'" A DC 3  ? ? 1.604 1.512 0.092  0.007 N 
16 1 C2    A DC 3  ? ? N3    A DC 3  ? ? 1.407 1.353 0.054  0.008 N 
17 1 C4    A DC 3  ? ? C5    A DC 3  ? ? 1.362 1.425 -0.063 0.008 N 
18 1 P     A DG 4  ? ? OP2   A DG 4  ? ? 1.594 1.485 0.109  0.017 N 
19 1 P     A DG 4  ? ? "O5'" A DG 4  ? ? 1.657 1.593 0.064  0.010 N 
20 1 "C5'" A DG 4  ? ? "C4'" A DG 4  ? ? 1.568 1.512 0.056  0.007 N 
21 1 "C4'" A DG 4  ? ? "C3'" A DG 4  ? ? 1.600 1.529 0.071  0.010 N 
22 1 "O4'" A DG 4  ? ? "C1'" A DG 4  ? ? 1.528 1.420 0.108  0.011 N 
23 1 "O4'" A DG 4  ? ? "C4'" A DG 4  ? ? 1.381 1.446 -0.065 0.010 N 
24 1 "O3'" A DG 4  ? ? "C3'" A DG 4  ? ? 1.370 1.419 -0.049 0.006 N 
25 1 C2    A DG 4  ? ? N3    A DG 4  ? ? 1.377 1.323 0.054  0.008 N 
26 1 N3    A DG 4  ? ? C4    A DG 4  ? ? 1.426 1.350 0.076  0.007 N 
27 1 C4    A DG 4  ? ? C5    A DG 4  ? ? 1.439 1.379 0.060  0.007 N 
28 1 C6    A DG 4  ? ? N1    A DG 4  ? ? 1.437 1.391 0.046  0.007 N 
29 1 C8    A DG 4  ? ? N9    A DG 4  ? ? 1.286 1.374 -0.088 0.007 N 
30 1 N9    A DG 4  ? ? C4    A DG 4  ? ? 1.430 1.375 0.055  0.008 N 
31 1 C6    A DG 4  ? ? O6    A DG 4  ? ? 1.149 1.237 -0.088 0.009 N 
32 1 "O5'" A DG 6  ? ? "C5'" A DG 6  ? ? 1.548 1.440 0.108  0.016 N 
33 1 "C5'" A DG 6  ? ? "C4'" A DG 6  ? ? 1.404 1.509 -0.105 0.011 N 
34 1 "C3'" A DG 6  ? ? "C2'" A DG 6  ? ? 1.621 1.518 0.103  0.012 N 
35 1 "O4'" A DG 6  ? ? "C1'" A DG 6  ? ? 1.490 1.420 0.070  0.011 N 
36 1 C4    A DG 6  ? ? C5    A DG 6  ? ? 1.334 1.379 -0.045 0.007 N 
37 1 C8    A DG 6  ? ? N9    A DG 6  ? ? 1.322 1.374 -0.052 0.007 N 
38 1 N9    A DG 6  ? ? C4    A DG 6  ? ? 1.453 1.375 0.078  0.008 N 
39 1 "C5'" B DC 7  ? ? "C4'" B DC 7  ? ? 1.578 1.512 0.066  0.007 N 
40 1 "C3'" B DC 7  ? ? "C2'" B DC 7  ? ? 1.467 1.516 -0.049 0.008 N 
41 1 "O4'" B DC 7  ? ? "C1'" B DC 7  ? ? 1.329 1.418 -0.089 0.012 N 
42 1 "O4'" B DC 7  ? ? "C4'" B DC 7  ? ? 1.327 1.446 -0.119 0.010 N 
43 1 "O3'" B DC 7  ? ? "C3'" B DC 7  ? ? 1.515 1.435 0.080  0.013 N 
44 1 C2    B DC 7  ? ? O2    B DC 7  ? ? 1.363 1.240 0.123  0.009 N 
45 1 C4    B DC 7  ? ? N4    B DC 7  ? ? 1.243 1.335 -0.092 0.009 N 
46 1 N1    B DC 7  ? ? C6    B DC 7  ? ? 1.319 1.367 -0.048 0.006 N 
47 1 "O3'" B DC 7  ? ? P     B DG 8  ? ? 1.798 1.607 0.191  0.012 Y 
48 1 P     B DG 8  ? ? OP1   B DG 8  ? ? 1.604 1.485 0.119  0.017 N 
49 1 "O4'" B DG 8  ? ? "C1'" B DG 8  ? ? 1.510 1.420 0.090  0.011 N 
50 1 "O4'" B DG 8  ? ? "C4'" B DG 8  ? ? 1.385 1.446 -0.061 0.010 N 
51 1 C2    B DG 8  ? ? N3    B DG 8  ? ? 1.394 1.323 0.071  0.008 N 
52 1 C5    B DG 8  ? ? N7    B DG 8  ? ? 1.468 1.388 0.080  0.006 N 
53 1 N7    B DG 8  ? ? C8    B DG 8  ? ? 1.369 1.305 0.064  0.006 N 
54 1 N9    B DG 8  ? ? C4    B DG 8  ? ? 1.471 1.375 0.096  0.008 N 
55 1 C2    B DG 8  ? ? N2    B DG 8  ? ? 1.223 1.341 -0.118 0.010 N 
56 1 P     B DC 9  ? ? OP1   B DC 9  ? ? 1.623 1.485 0.138  0.017 N 
57 1 "O5'" B DC 9  ? ? "C5'" B DC 9  ? ? 1.566 1.440 0.126  0.016 N 
58 1 "O4'" B DC 9  ? ? "C1'" B DC 9  ? ? 1.495 1.420 0.075  0.011 N 
59 1 "O4'" B DC 9  ? ? "C4'" B DC 9  ? ? 1.508 1.449 0.059  0.009 N 
60 1 N1    B DC 9  ? ? C6    B DC 9  ? ? 1.439 1.367 0.072  0.006 N 
61 1 C4    B DC 9  ? ? C5    B DC 9  ? ? 1.525 1.425 0.100  0.008 N 
62 1 P     B DG 10 ? ? "O5'" B DG 10 ? ? 1.827 1.593 0.234  0.010 N 
63 1 "C3'" B DG 10 ? ? "C2'" B DG 10 ? ? 1.449 1.516 -0.067 0.008 N 
64 1 "C2'" B DG 10 ? ? "C1'" B DG 10 ? ? 1.448 1.518 -0.070 0.010 N 
65 1 "O4'" B DG 10 ? ? "C1'" B DG 10 ? ? 1.564 1.420 0.144  0.011 N 
66 1 "O4'" B DG 10 ? ? "C4'" B DG 10 ? ? 1.339 1.446 -0.107 0.010 N 
67 1 "O3'" B DG 10 ? ? "C3'" B DG 10 ? ? 1.370 1.419 -0.049 0.006 N 
68 1 N3    B DG 10 ? ? C4    B DG 10 ? ? 1.439 1.350 0.089  0.007 N 
69 1 C4    B DG 10 ? ? C5    B DG 10 ? ? 1.463 1.379 0.084  0.007 N 
70 1 C5    B DG 10 ? ? N7    B DG 10 ? ? 1.349 1.388 -0.039 0.006 N 
71 1 C2    B DG 10 ? ? N2    B DG 10 ? ? 1.278 1.341 -0.063 0.010 N 
72 1 P     B DG 12 ? ? OP1   B DG 12 ? ? 1.635 1.485 0.150  0.017 N 
73 1 "C5'" B DG 12 ? ? "C4'" B DG 12 ? ? 1.590 1.512 0.078  0.007 N 
74 1 "C2'" B DG 12 ? ? "C1'" B DG 12 ? ? 1.593 1.519 0.074  0.010 N 
75 1 "O4'" B DG 12 ? ? "C1'" B DG 12 ? ? 1.547 1.420 0.127  0.011 N 
76 1 "O4'" B DG 12 ? ? "C4'" B DG 12 ? ? 1.372 1.446 -0.074 0.010 N 
77 1 N1    B DG 12 ? ? C2    B DG 12 ? ? 1.423 1.373 0.050  0.008 N 
78 1 C6    B DG 12 ? ? O6    B DG 12 ? ? 1.120 1.237 -0.117 0.009 N 
# 
loop_
_pdbx_validate_rmsd_angle.id 
_pdbx_validate_rmsd_angle.PDB_model_num 
_pdbx_validate_rmsd_angle.auth_atom_id_1 
_pdbx_validate_rmsd_angle.auth_asym_id_1 
_pdbx_validate_rmsd_angle.auth_comp_id_1 
_pdbx_validate_rmsd_angle.auth_seq_id_1 
_pdbx_validate_rmsd_angle.PDB_ins_code_1 
_pdbx_validate_rmsd_angle.label_alt_id_1 
_pdbx_validate_rmsd_angle.auth_atom_id_2 
_pdbx_validate_rmsd_angle.auth_asym_id_2 
_pdbx_validate_rmsd_angle.auth_comp_id_2 
_pdbx_validate_rmsd_angle.auth_seq_id_2 
_pdbx_validate_rmsd_angle.PDB_ins_code_2 
_pdbx_validate_rmsd_angle.label_alt_id_2 
_pdbx_validate_rmsd_angle.auth_atom_id_3 
_pdbx_validate_rmsd_angle.auth_asym_id_3 
_pdbx_validate_rmsd_angle.auth_comp_id_3 
_pdbx_validate_rmsd_angle.auth_seq_id_3 
_pdbx_validate_rmsd_angle.PDB_ins_code_3 
_pdbx_validate_rmsd_angle.label_alt_id_3 
_pdbx_validate_rmsd_angle.angle_value 
_pdbx_validate_rmsd_angle.angle_target_value 
_pdbx_validate_rmsd_angle.angle_deviation 
_pdbx_validate_rmsd_angle.angle_standard_deviation 
_pdbx_validate_rmsd_angle.linker_flag 
1  1 "O5'" A DC  1  ? ? "C5'" A DC  1  ? ? "C4'" A DC  1  ? ? 95.92  109.40 -13.48 0.80 N 
2  1 "C3'" A DC  1  ? ? "C2'" A DC  1  ? ? "C1'" A DC  1  ? ? 97.59  102.40 -4.81  0.80 N 
3  1 "O4'" A DC  1  ? ? "C1'" A DC  1  ? ? "C2'" A DC  1  ? ? 112.08 106.80 5.28   0.50 N 
4  1 N1    A DC  1  ? ? "C1'" A DC  1  ? ? "C2'" A DC  1  ? ? 98.59  112.60 -14.01 1.90 N 
5  1 "O4'" A DC  1  ? ? "C1'" A DC  1  ? ? N1    A DC  1  ? ? 117.69 108.30 9.39   0.30 N 
6  1 N3    A DC  1  ? ? C4    A DC  1  ? ? N4    A DC  1  ? ? 111.53 118.00 -6.47  0.70 N 
7  1 C5    A DC  1  ? ? C4    A DC  1  ? ? N4    A DC  1  ? ? 127.49 120.20 7.29   0.70 N 
8  1 "C3'" A DC  1  ? ? "O3'" A DC  1  ? ? P     A DG  2  ? ? 129.92 119.70 10.22  1.20 Y 
9  1 "O5'" A DG  2  ? ? "C5'" A DG  2  ? ? "C4'" A DG  2  ? ? 102.36 109.40 -7.04  0.80 N 
10 1 P     A DG  2  ? ? "O5'" A DG  2  ? ? "C5'" A DG  2  ? ? 140.04 120.90 19.14  1.60 N 
11 1 "C5'" A DG  2  ? ? "C4'" A DG  2  ? ? "C3'" A DG  2  ? ? 102.89 114.10 -11.21 1.80 N 
12 1 "C5'" A DG  2  ? ? "C4'" A DG  2  ? ? "O4'" A DG  2  ? ? 117.62 109.80 7.82   1.10 N 
13 1 "O4'" A DG  2  ? ? "C1'" A DG  2  ? ? N9    A DG  2  ? ? 100.06 108.00 -7.94  0.70 N 
14 1 C4    A DG  2  ? ? C5    A DG  2  ? ? N7    A DG  2  ? ? 107.29 110.80 -3.51  0.40 N 
15 1 C5    A DG  2  ? ? N7    A DG  2  ? ? C8    A DG  2  ? ? 108.24 104.30 3.94   0.50 N 
16 1 C8    A DG  2  ? ? N9    A DG  2  ? ? C4    A DG  2  ? ? 103.22 106.40 -3.18  0.40 N 
17 1 N9    A DG  2  ? ? C4    A DG  2  ? ? C5    A DG  2  ? ? 108.93 105.40 3.53   0.40 N 
18 1 "C3'" A DG  2  ? ? "O3'" A DG  2  ? ? P     A DC  3  ? ? 136.71 119.70 17.01  1.20 Y 
19 1 OP1   A DC  3  ? ? P     A DC  3  ? ? OP2   A DC  3  ? ? 107.43 119.60 -12.17 1.50 N 
20 1 "O5'" A DC  3  ? ? "C5'" A DC  3  ? ? "C4'" A DC  3  ? ? 103.13 109.40 -6.27  0.80 N 
21 1 "C4'" A DC  3  ? ? "C3'" A DC  3  ? ? "C2'" A DC  3  ? ? 110.43 103.10 7.33   0.90 N 
22 1 "C3'" A DC  3  ? ? "C2'" A DC  3  ? ? "C1'" A DC  3  ? ? 91.94  102.40 -10.46 0.80 N 
23 1 "O4'" A DC  3  ? ? "C1'" A DC  3  ? ? "C2'" A DC  3  ? ? 112.07 106.80 5.27   0.50 N 
24 1 C6    A DC  3  ? ? N1    A DC  3  ? ? C2    A DC  3  ? ? 122.85 120.30 2.55   0.40 N 
25 1 N3    A DC  3  ? ? C4    A DC  3  ? ? C5    A DC  3  ? ? 125.81 121.90 3.91   0.40 N 
26 1 "O5'" A DG  4  ? ? "C5'" A DG  4  ? ? "C4'" A DG  4  ? ? 95.04  109.40 -14.36 0.80 N 
27 1 "O4'" A DG  4  ? ? "C4'" A DG  4  ? ? "C3'" A DG  4  ? ? 112.09 106.00 6.09   0.60 N 
28 1 "O4'" A DG  4  ? ? "C1'" A DG  4  ? ? "C2'" A DG  4  ? ? 111.34 106.80 4.54   0.50 N 
29 1 "O4'" A DG  4  ? ? "C1'" A DG  4  ? ? N9    A DG  4  ? ? 112.08 108.30 3.78   0.30 N 
30 1 N1    A DG  4  ? ? C2    A DG  4  ? ? N3    A DG  4  ? ? 127.67 123.90 3.77   0.60 N 
31 1 C4    A DG  4  ? ? C5    A DG  4  ? ? N7    A DG  4  ? ? 107.28 110.80 -3.52  0.40 N 
32 1 N7    A DG  4  ? ? C8    A DG  4  ? ? N9    A DG  4  ? ? 116.14 113.10 3.04   0.50 N 
33 1 C6    A DG  4  ? ? C5    A DG  4  ? ? N7    A DG  4  ? ? 134.66 130.40 4.26   0.60 N 
34 1 N3    A DG  4  ? ? C2    A DG  4  ? ? N2    A DG  4  ? ? 115.15 119.90 -4.75  0.70 N 
35 1 "C3'" A C45 5  ? ? "O3'" A C45 5  ? ? P     A DG  6  ? ? 126.99 119.70 7.29   1.20 Y 
36 1 "O5'" A DG  6  ? ? "C5'" A DG  6  ? ? "C4'" A DG  6  ? ? 102.10 109.40 -7.30  0.80 N 
37 1 "C1'" A DG  6  ? ? "O4'" A DG  6  ? ? "C4'" A DG  6  ? ? 103.80 110.10 -6.30  1.00 N 
38 1 "C3'" A DG  6  ? ? "C2'" A DG  6  ? ? "C1'" A DG  6  ? ? 91.28  102.40 -11.12 0.80 N 
39 1 "O4'" A DG  6  ? ? "C1'" A DG  6  ? ? "C2'" A DG  6  ? ? 110.71 106.80 3.91   0.50 N 
40 1 "O4'" A DG  6  ? ? "C1'" A DG  6  ? ? N9    A DG  6  ? ? 103.15 108.00 -4.85  0.70 N 
41 1 C2    A DG  6  ? ? N3    A DG  6  ? ? C4    A DG  6  ? ? 108.49 111.90 -3.41  0.50 N 
42 1 C4    A DG  6  ? ? C5    A DG  6  ? ? N7    A DG  6  ? ? 108.28 110.80 -2.52  0.40 N 
43 1 N3    A DG  6  ? ? C2    A DG  6  ? ? N2    A DG  6  ? ? 115.17 119.90 -4.73  0.70 N 
44 1 "O4'" B DC  7  ? ? "C4'" B DC  7  ? ? "C3'" B DC  7  ? ? 100.48 104.50 -4.02  0.40 N 
45 1 "C3'" B DC  7  ? ? "C2'" B DC  7  ? ? "C1'" B DC  7  ? ? 96.11  102.40 -6.29  0.80 N 
46 1 N3    B DC  7  ? ? C4    B DC  7  ? ? C5    B DC  7  ? ? 119.26 121.90 -2.64  0.40 N 
47 1 C5    B DC  7  ? ? C4    B DC  7  ? ? N4    B DC  7  ? ? 125.36 120.20 5.16   0.70 N 
48 1 C2    B DC  7  ? ? N1    B DC  7  ? ? "C1'" B DC  7  ? ? 112.11 118.80 -6.69  1.10 N 
49 1 "C3'" B DC  7  ? ? "O3'" B DC  7  ? ? P     B DG  8  ? ? 109.85 119.70 -9.85  1.20 Y 
50 1 "O5'" B DG  8  ? ? P     B DG  8  ? ? OP2   B DG  8  ? ? 122.46 110.70 11.76  1.20 N 
51 1 "O5'" B DG  8  ? ? "C5'" B DG  8  ? ? "C4'" B DG  8  ? ? 97.17  109.40 -12.23 0.80 N 
52 1 C6    B DG  8  ? ? N1    B DG  8  ? ? C2    B DG  8  ? ? 121.36 125.10 -3.74  0.60 N 
53 1 N3    B DG  8  ? ? C4    B DG  8  ? ? C5    B DG  8  ? ? 125.05 128.60 -3.55  0.50 N 
54 1 C5    B DG  8  ? ? C6    B DG  8  ? ? N1    B DG  8  ? ? 117.12 111.50 5.62   0.50 N 
55 1 C4    B DG  8  ? ? C5    B DG  8  ? ? N7    B DG  8  ? ? 106.87 110.80 -3.93  0.40 N 
56 1 N9    B DG  8  ? ? C4    B DG  8  ? ? C5    B DG  8  ? ? 108.29 105.40 2.89   0.40 N 
57 1 N3    B DG  8  ? ? C2    B DG  8  ? ? N2    B DG  8  ? ? 113.76 119.90 -6.14  0.70 N 
58 1 N1    B DG  8  ? ? C6    B DG  8  ? ? O6    B DG  8  ? ? 112.63 119.90 -7.27  0.60 N 
59 1 OP1   B DC  9  ? ? P     B DC  9  ? ? OP2   B DC  9  ? ? 103.45 119.60 -16.15 1.50 N 
60 1 "O5'" B DC  9  ? ? "C5'" B DC  9  ? ? "C4'" B DC  9  ? ? 97.69  109.40 -11.71 0.80 N 
61 1 "C3'" B DC  9  ? ? "C2'" B DC  9  ? ? "C1'" B DC  9  ? ? 96.49  102.40 -5.91  0.80 N 
62 1 "O4'" B DC  9  ? ? "C1'" B DC  9  ? ? N1    B DC  9  ? ? 115.47 108.30 7.17   0.30 N 
63 1 C6    B DC  9  ? ? N1    B DC  9  ? ? C2    B DC  9  ? ? 117.89 120.30 -2.41  0.40 N 
64 1 N1    B DC  9  ? ? C2    B DC  9  ? ? O2    B DC  9  ? ? 114.19 118.90 -4.71  0.60 N 
65 1 OP1   B DG  10 ? ? P     B DG  10 ? ? OP2   B DG  10 ? ? 132.99 119.60 13.39  1.50 N 
66 1 "O4'" B DG  10 ? ? "C4'" B DG  10 ? ? "C3'" B DG  10 ? ? 110.02 106.00 4.02   0.60 N 
67 1 C4    B DG  10 ? ? C5    B DG  10 ? ? C6    B DG  10 ? ? 114.73 118.80 -4.07  0.60 N 
68 1 C5    B DG  10 ? ? C6    B DG  10 ? ? N1    B DG  10 ? ? 116.06 111.50 4.56   0.50 N 
69 1 N7    B DG  10 ? ? C8    B DG  10 ? ? N9    B DG  10 ? ? 118.11 113.10 5.01   0.50 N 
70 1 C8    B DG  10 ? ? N9    B DG  10 ? ? C4    B DG  10 ? ? 103.96 106.40 -2.44  0.40 N 
71 1 C5    B DG  10 ? ? C6    B DG  10 ? ? O6    B DG  10 ? ? 122.98 128.60 -5.62  0.60 N 
72 1 "C3'" B DG  10 ? ? "O3'" B DG  10 ? ? P     B C45 11 ? ? 128.12 119.70 8.42   1.20 Y 
73 1 "C3'" B C45 11 ? ? "O3'" B C45 11 ? ? P     B DG  12 ? ? 128.65 119.70 8.95   1.20 Y 
74 1 "O5'" B DG  12 ? ? "C5'" B DG  12 ? ? "C4'" B DG  12 ? ? 100.07 109.40 -9.33  0.80 N 
75 1 "O4'" B DG  12 ? ? "C4'" B DG  12 ? ? "C3'" B DG  12 ? ? 110.49 106.00 4.49   0.60 N 
76 1 "C4'" B DG  12 ? ? "C3'" B DG  12 ? ? "C2'" B DG  12 ? ? 95.22  102.20 -6.98  0.70 N 
77 1 N9    B DG  12 ? ? "C1'" B DG  12 ? ? "C2'" B DG  12 ? ? 123.50 114.30 9.20   1.40 N 
78 1 C6    B DG  12 ? ? N1    B DG  12 ? ? C2    B DG  12 ? ? 119.47 125.10 -5.63  0.60 N 
79 1 N1    B DG  12 ? ? C2    B DG  12 ? ? N3    B DG  12 ? ? 128.15 123.90 4.25   0.60 N 
80 1 C5    B DG  12 ? ? C6    B DG  12 ? ? N1    B DG  12 ? ? 115.34 111.50 3.84   0.50 N 
81 1 C4    B DG  12 ? ? C5    B DG  12 ? ? N7    B DG  12 ? ? 107.96 110.80 -2.84  0.40 N 
82 1 C8    B DG  12 ? ? N9    B DG  12 ? ? C4    B DG  12 ? ? 99.97  106.40 -6.43  0.40 N 
83 1 N9    B DG  12 ? ? C4    B DG  12 ? ? C5    B DG  12 ? ? 110.86 105.40 5.46   0.40 N 
84 1 N3    B DG  12 ? ? C4    B DG  12 ? ? N9    B DG  12 ? ? 120.34 126.00 -5.66  0.60 N 
85 1 N3    B DG  12 ? ? C2    B DG  12 ? ? N2    B DG  12 ? ? 111.14 119.90 -8.76  0.70 N 
86 1 N1    B DG  12 ? ? C6    B DG  12 ? ? O6    B DG  12 ? ? 113.82 119.90 -6.08  0.60 N 
# 
loop_
_pdbx_validate_polymer_linkage.id 
_pdbx_validate_polymer_linkage.PDB_model_num 
_pdbx_validate_polymer_linkage.auth_atom_id_1 
_pdbx_validate_polymer_linkage.auth_asym_id_1 
_pdbx_validate_polymer_linkage.auth_comp_id_1 
_pdbx_validate_polymer_linkage.auth_seq_id_1 
_pdbx_validate_polymer_linkage.PDB_ins_code_1 
_pdbx_validate_polymer_linkage.label_alt_id_1 
_pdbx_validate_polymer_linkage.auth_atom_id_2 
_pdbx_validate_polymer_linkage.auth_asym_id_2 
_pdbx_validate_polymer_linkage.auth_comp_id_2 
_pdbx_validate_polymer_linkage.auth_seq_id_2 
_pdbx_validate_polymer_linkage.PDB_ins_code_2 
_pdbx_validate_polymer_linkage.label_alt_id_2 
_pdbx_validate_polymer_linkage.dist 
1 1 "O3'" A DC 1 ? ? P A DG 2 ? ? 1.76 
2 1 "O3'" B DC 7 ? ? P B DG 8 ? ? 1.80 
# 
loop_
_pdbx_struct_mod_residue.id 
_pdbx_struct_mod_residue.label_asym_id 
_pdbx_struct_mod_residue.label_comp_id 
_pdbx_struct_mod_residue.label_seq_id 
_pdbx_struct_mod_residue.auth_asym_id 
_pdbx_struct_mod_residue.auth_comp_id 
_pdbx_struct_mod_residue.auth_seq_id 
_pdbx_struct_mod_residue.PDB_ins_code 
_pdbx_struct_mod_residue.parent_comp_id 
_pdbx_struct_mod_residue.details 
1 A C45 5 A C45 5  ? DC ? 
2 B C45 5 B C45 11 ? DC ? 
# 
loop_
_refine_B_iso.class 
_refine_B_iso.details 
_refine_B_iso.treatment 
_refine_B_iso.pdbx_refine_id 
'ALL ATOMS'  TR isotropic 'X-RAY DIFFRACTION' 
'ALL WATERS' TR isotropic 'X-RAY DIFFRACTION' 
# 
loop_
_refine_occupancy.class 
_refine_occupancy.treatment 
_refine_occupancy.pdbx_refine_id 
'ALL ATOMS'  fix 'X-RAY DIFFRACTION' 
'ALL WATERS' fix 'X-RAY DIFFRACTION' 
# 
loop_
_chem_comp_atom.comp_id 
_chem_comp_atom.atom_id 
_chem_comp_atom.type_symbol 
_chem_comp_atom.pdbx_aromatic_flag 
_chem_comp_atom.pdbx_stereo_config 
_chem_comp_atom.pdbx_ordinal 
C45 N1     N N N 1   
C45 C2     C N N 2   
C45 N3     N N N 3   
C45 C4     C N N 4   
C45 C5     C N N 5   
C45 C6     C N N 6   
C45 O2     O N N 7   
C45 N4     N N N 8   
C45 "C1'"  C N R 9   
C45 "C2'"  C N N 10  
C45 CM2    C N N 11  
C45 "C3'"  C N S 12  
C45 "C4'"  C N R 13  
C45 "O4'"  O N N 14  
C45 "O3'"  O N N 15  
C45 "C5'"  C N N 16  
C45 "O5'"  O N N 17  
C45 P      P N N 18  
C45 O1P    O N N 19  
C45 O2P    O N N 20  
C45 O      O N N 21  
C45 O3P    O N N 22  
C45 H5     H N N 23  
C45 H6     H N N 24  
C45 H4     H N N 25  
C45 "H1'"  H N N 26  
C45 "H2'1" H N N 27  
C45 "H2'2" H N N 28  
C45 HM21   H N N 29  
C45 HM22   H N N 30  
C45 HM23   H N N 31  
C45 "H3'"  H N N 32  
C45 "H4'"  H N N 33  
C45 HA     H N N 34  
C45 "H5'1" H N N 35  
C45 "H5'2" H N N 36  
C45 H1P    H N N 37  
C45 H2P    H N N 38  
DC  OP3    O N N 39  
DC  P      P N N 40  
DC  OP1    O N N 41  
DC  OP2    O N N 42  
DC  "O5'"  O N N 43  
DC  "C5'"  C N N 44  
DC  "C4'"  C N R 45  
DC  "O4'"  O N N 46  
DC  "C3'"  C N S 47  
DC  "O3'"  O N N 48  
DC  "C2'"  C N N 49  
DC  "C1'"  C N R 50  
DC  N1     N N N 51  
DC  C2     C N N 52  
DC  O2     O N N 53  
DC  N3     N N N 54  
DC  C4     C N N 55  
DC  N4     N N N 56  
DC  C5     C N N 57  
DC  C6     C N N 58  
DC  HOP3   H N N 59  
DC  HOP2   H N N 60  
DC  "H5'"  H N N 61  
DC  "H5''" H N N 62  
DC  "H4'"  H N N 63  
DC  "H3'"  H N N 64  
DC  "HO3'" H N N 65  
DC  "H2'"  H N N 66  
DC  "H2''" H N N 67  
DC  "H1'"  H N N 68  
DC  H41    H N N 69  
DC  H42    H N N 70  
DC  H5     H N N 71  
DC  H6     H N N 72  
DG  OP3    O N N 73  
DG  P      P N N 74  
DG  OP1    O N N 75  
DG  OP2    O N N 76  
DG  "O5'"  O N N 77  
DG  "C5'"  C N N 78  
DG  "C4'"  C N R 79  
DG  "O4'"  O N N 80  
DG  "C3'"  C N S 81  
DG  "O3'"  O N N 82  
DG  "C2'"  C N N 83  
DG  "C1'"  C N R 84  
DG  N9     N Y N 85  
DG  C8     C Y N 86  
DG  N7     N Y N 87  
DG  C5     C Y N 88  
DG  C6     C N N 89  
DG  O6     O N N 90  
DG  N1     N N N 91  
DG  C2     C N N 92  
DG  N2     N N N 93  
DG  N3     N N N 94  
DG  C4     C Y N 95  
DG  HOP3   H N N 96  
DG  HOP2   H N N 97  
DG  "H5'"  H N N 98  
DG  "H5''" H N N 99  
DG  "H4'"  H N N 100 
DG  "H3'"  H N N 101 
DG  "HO3'" H N N 102 
DG  "H2'"  H N N 103 
DG  "H2''" H N N 104 
DG  "H1'"  H N N 105 
DG  H8     H N N 106 
DG  H1     H N N 107 
DG  H21    H N N 108 
DG  H22    H N N 109 
HOH O      O N N 110 
HOH H1     H N N 111 
HOH H2     H N N 112 
# 
loop_
_chem_comp_bond.comp_id 
_chem_comp_bond.atom_id_1 
_chem_comp_bond.atom_id_2 
_chem_comp_bond.value_order 
_chem_comp_bond.pdbx_aromatic_flag 
_chem_comp_bond.pdbx_stereo_config 
_chem_comp_bond.pdbx_ordinal 
C45 N1    C2     sing N N 1   
C45 N1    C6     sing N N 2   
C45 N1    "C1'"  sing N N 3   
C45 C2    N3     sing N N 4   
C45 C2    O2     doub N N 5   
C45 N3    C4     doub N N 6   
C45 C4    C5     sing N N 7   
C45 C4    N4     sing N N 8   
C45 C5    C6     doub N N 9   
C45 C5    H5     sing N N 10  
C45 C6    H6     sing N N 11  
C45 N4    O      sing N N 12  
C45 N4    H4     sing N N 13  
C45 "C1'" "C2'"  sing N N 14  
C45 "C1'" "O4'"  sing N N 15  
C45 "C1'" "H1'"  sing N N 16  
C45 "C2'" "C3'"  sing N N 17  
C45 "C2'" "H2'1" sing N N 18  
C45 "C2'" "H2'2" sing N N 19  
C45 CM2   O      sing N N 20  
C45 CM2   HM21   sing N N 21  
C45 CM2   HM22   sing N N 22  
C45 CM2   HM23   sing N N 23  
C45 "C3'" "C4'"  sing N N 24  
C45 "C3'" "O3'"  sing N N 25  
C45 "C3'" "H3'"  sing N N 26  
C45 "C4'" "O4'"  sing N N 27  
C45 "C4'" "C5'"  sing N N 28  
C45 "C4'" "H4'"  sing N N 29  
C45 "O3'" HA     sing N N 30  
C45 "C5'" "O5'"  sing N N 31  
C45 "C5'" "H5'1" sing N N 32  
C45 "C5'" "H5'2" sing N N 33  
C45 "O5'" P      sing N N 34  
C45 P     O1P    sing N N 35  
C45 P     O2P    sing N N 36  
C45 P     O3P    doub N N 37  
C45 O1P   H1P    sing N N 38  
C45 O2P   H2P    sing N N 39  
DC  OP3   P      sing N N 40  
DC  OP3   HOP3   sing N N 41  
DC  P     OP1    doub N N 42  
DC  P     OP2    sing N N 43  
DC  P     "O5'"  sing N N 44  
DC  OP2   HOP2   sing N N 45  
DC  "O5'" "C5'"  sing N N 46  
DC  "C5'" "C4'"  sing N N 47  
DC  "C5'" "H5'"  sing N N 48  
DC  "C5'" "H5''" sing N N 49  
DC  "C4'" "O4'"  sing N N 50  
DC  "C4'" "C3'"  sing N N 51  
DC  "C4'" "H4'"  sing N N 52  
DC  "O4'" "C1'"  sing N N 53  
DC  "C3'" "O3'"  sing N N 54  
DC  "C3'" "C2'"  sing N N 55  
DC  "C3'" "H3'"  sing N N 56  
DC  "O3'" "HO3'" sing N N 57  
DC  "C2'" "C1'"  sing N N 58  
DC  "C2'" "H2'"  sing N N 59  
DC  "C2'" "H2''" sing N N 60  
DC  "C1'" N1     sing N N 61  
DC  "C1'" "H1'"  sing N N 62  
DC  N1    C2     sing N N 63  
DC  N1    C6     sing N N 64  
DC  C2    O2     doub N N 65  
DC  C2    N3     sing N N 66  
DC  N3    C4     doub N N 67  
DC  C4    N4     sing N N 68  
DC  C4    C5     sing N N 69  
DC  N4    H41    sing N N 70  
DC  N4    H42    sing N N 71  
DC  C5    C6     doub N N 72  
DC  C5    H5     sing N N 73  
DC  C6    H6     sing N N 74  
DG  OP3   P      sing N N 75  
DG  OP3   HOP3   sing N N 76  
DG  P     OP1    doub N N 77  
DG  P     OP2    sing N N 78  
DG  P     "O5'"  sing N N 79  
DG  OP2   HOP2   sing N N 80  
DG  "O5'" "C5'"  sing N N 81  
DG  "C5'" "C4'"  sing N N 82  
DG  "C5'" "H5'"  sing N N 83  
DG  "C5'" "H5''" sing N N 84  
DG  "C4'" "O4'"  sing N N 85  
DG  "C4'" "C3'"  sing N N 86  
DG  "C4'" "H4'"  sing N N 87  
DG  "O4'" "C1'"  sing N N 88  
DG  "C3'" "O3'"  sing N N 89  
DG  "C3'" "C2'"  sing N N 90  
DG  "C3'" "H3'"  sing N N 91  
DG  "O3'" "HO3'" sing N N 92  
DG  "C2'" "C1'"  sing N N 93  
DG  "C2'" "H2'"  sing N N 94  
DG  "C2'" "H2''" sing N N 95  
DG  "C1'" N9     sing N N 96  
DG  "C1'" "H1'"  sing N N 97  
DG  N9    C8     sing Y N 98  
DG  N9    C4     sing Y N 99  
DG  C8    N7     doub Y N 100 
DG  C8    H8     sing N N 101 
DG  N7    C5     sing Y N 102 
DG  C5    C6     sing N N 103 
DG  C5    C4     doub Y N 104 
DG  C6    O6     doub N N 105 
DG  C6    N1     sing N N 106 
DG  N1    C2     sing N N 107 
DG  N1    H1     sing N N 108 
DG  C2    N2     sing N N 109 
DG  C2    N3     doub N N 110 
DG  N2    H21    sing N N 111 
DG  N2    H22    sing N N 112 
DG  N3    C4     sing N N 113 
HOH O     H1     sing N N 114 
HOH O     H2     sing N N 115 
# 
_ndb_struct_conf_na.entry_id   1DA2 
_ndb_struct_conf_na.feature    'z-form double helix' 
# 
loop_
_ndb_struct_na_base_pair.model_number 
_ndb_struct_na_base_pair.i_label_asym_id 
_ndb_struct_na_base_pair.i_label_comp_id 
_ndb_struct_na_base_pair.i_label_seq_id 
_ndb_struct_na_base_pair.i_symmetry 
_ndb_struct_na_base_pair.j_label_asym_id 
_ndb_struct_na_base_pair.j_label_comp_id 
_ndb_struct_na_base_pair.j_label_seq_id 
_ndb_struct_na_base_pair.j_symmetry 
_ndb_struct_na_base_pair.shear 
_ndb_struct_na_base_pair.stretch 
_ndb_struct_na_base_pair.stagger 
_ndb_struct_na_base_pair.buckle 
_ndb_struct_na_base_pair.propeller 
_ndb_struct_na_base_pair.opening 
_ndb_struct_na_base_pair.pair_number 
_ndb_struct_na_base_pair.pair_name 
_ndb_struct_na_base_pair.i_auth_asym_id 
_ndb_struct_na_base_pair.i_auth_seq_id 
_ndb_struct_na_base_pair.i_PDB_ins_code 
_ndb_struct_na_base_pair.j_auth_asym_id 
_ndb_struct_na_base_pair.j_auth_seq_id 
_ndb_struct_na_base_pair.j_PDB_ins_code 
_ndb_struct_na_base_pair.hbond_type_28 
_ndb_struct_na_base_pair.hbond_type_12 
1 A DC  1 1_555 B DG  6 1_555 -0.036 -0.054 0.178 7.712  3.163  5.778  1 A_DC1:DG12_B  A 1 ? B 12 ? 19 1 
1 A DG  2 1_555 B C45 5 1_555 2.968  -0.576 0.126 -3.305 11.146 -3.557 2 A_DG2:C4511_B A 2 ? B 11 ? ?  ? 
1 A DC  3 1_555 B DG  4 1_555 -0.371 -0.119 0.122 6.926  -1.338 5.423  3 A_DC3:DG10_B  A 3 ? B 10 ? 19 1 
1 A DG  4 1_555 B DC  3 1_555 0.095  -0.259 0.165 -9.278 3.620  3.407  4 A_DG4:DC9_B   A 4 ? B 9  ? 19 1 
1 A C45 5 1_555 B DG  2 1_555 -2.808 -0.698 0.297 -4.492 -0.782 -5.163 5 A_C455:DG8_B  A 5 ? B 8  ? ?  ? 
1 A DG  6 1_555 B DC  1 1_555 0.199  -0.007 0.118 3.385  -1.166 1.419  6 A_DG6:DC7_B   A 6 ? B 7  ? 19 1 
# 
loop_
_ndb_struct_na_base_pair_step.model_number 
_ndb_struct_na_base_pair_step.i_label_asym_id_1 
_ndb_struct_na_base_pair_step.i_label_comp_id_1 
_ndb_struct_na_base_pair_step.i_label_seq_id_1 
_ndb_struct_na_base_pair_step.i_symmetry_1 
_ndb_struct_na_base_pair_step.j_label_asym_id_1 
_ndb_struct_na_base_pair_step.j_label_comp_id_1 
_ndb_struct_na_base_pair_step.j_label_seq_id_1 
_ndb_struct_na_base_pair_step.j_symmetry_1 
_ndb_struct_na_base_pair_step.i_label_asym_id_2 
_ndb_struct_na_base_pair_step.i_label_comp_id_2 
_ndb_struct_na_base_pair_step.i_label_seq_id_2 
_ndb_struct_na_base_pair_step.i_symmetry_2 
_ndb_struct_na_base_pair_step.j_label_asym_id_2 
_ndb_struct_na_base_pair_step.j_label_comp_id_2 
_ndb_struct_na_base_pair_step.j_label_seq_id_2 
_ndb_struct_na_base_pair_step.j_symmetry_2 
_ndb_struct_na_base_pair_step.shift 
_ndb_struct_na_base_pair_step.slide 
_ndb_struct_na_base_pair_step.rise 
_ndb_struct_na_base_pair_step.tilt 
_ndb_struct_na_base_pair_step.roll 
_ndb_struct_na_base_pair_step.twist 
_ndb_struct_na_base_pair_step.x_displacement 
_ndb_struct_na_base_pair_step.y_displacement 
_ndb_struct_na_base_pair_step.helical_rise 
_ndb_struct_na_base_pair_step.inclination 
_ndb_struct_na_base_pair_step.tip 
_ndb_struct_na_base_pair_step.helical_twist 
_ndb_struct_na_base_pair_step.step_number 
_ndb_struct_na_base_pair_step.step_name 
_ndb_struct_na_base_pair_step.i_auth_asym_id_1 
_ndb_struct_na_base_pair_step.i_auth_seq_id_1 
_ndb_struct_na_base_pair_step.i_PDB_ins_code_1 
_ndb_struct_na_base_pair_step.j_auth_asym_id_1 
_ndb_struct_na_base_pair_step.j_auth_seq_id_1 
_ndb_struct_na_base_pair_step.j_PDB_ins_code_1 
_ndb_struct_na_base_pair_step.i_auth_asym_id_2 
_ndb_struct_na_base_pair_step.i_auth_seq_id_2 
_ndb_struct_na_base_pair_step.i_PDB_ins_code_2 
_ndb_struct_na_base_pair_step.j_auth_asym_id_2 
_ndb_struct_na_base_pair_step.j_auth_seq_id_2 
_ndb_struct_na_base_pair_step.j_PDB_ins_code_2 
1 A DC  1 1_555 B DG  6 1_555 A DG  2 1_555 B C45 5 1_555 0.127  5.190  3.731 3.472  2.537  -1.212  -76.303 14.945 -2.034 -43.815 
59.973 -4.468  1 AA_DC1DG2:C4511DG12_BB A 1 ? B 12 ? A 2 ? B 11 ? 
1 A DG  2 1_555 B C45 5 1_555 A DC  3 1_555 B DG  4 1_555 0.358  0.118  3.275 -3.021 -5.047 -65.879 0.095   0.206  3.288  4.631   
-2.773 -66.112 2 AA_DG2DC3:DG10C4511_BB A 2 ? B 11 ? A 3 ? B 10 ? 
1 A DC  3 1_555 B DG  4 1_555 A DG  4 1_555 B DC  3 1_555 -0.256 5.464  4.108 -0.755 -3.120 -7.214  -24.714 -5.482 5.886  23.335  
-5.648 -7.895  3 AA_DC3DG4:DC9DG10_BB   A 3 ? B 10 ? A 4 ? B 9  ? 
1 A DG  4 1_555 B DC  3 1_555 A C45 5 1_555 B DG  2 1_555 -0.316 -0.750 3.383 1.172  -3.452 -58.918 0.943   -0.259 3.343  3.506   
1.190  -59.020 4 AA_DG4C455:DG8DC9_BB   A 4 ? B 9  ? A 5 ? B 8  ? 
1 A C45 5 1_555 B DG  2 1_555 A DG  6 1_555 B DC  1 1_555 0.006  5.075  3.413 0.715  5.070  -0.609  -44.934 -1.554 -4.588 -82.406 
11.615 -5.156  5 AA_C455DG6:DC7DG8_BB   A 5 ? B 8  ? A 6 ? B 7  ? 
# 
_atom_sites.entry_id                    1DA2 
_atom_sites.fract_transf_matrix[1][1]   0.01835252 
_atom_sites.fract_transf_matrix[1][2]   0.02396826 
_atom_sites.fract_transf_matrix[1][3]   -0.04601814 
_atom_sites.fract_transf_matrix[2][1]   -0.01203886 
_atom_sites.fract_transf_matrix[2][2]   -0.02496121 
_atom_sites.fract_transf_matrix[2][3]   -0.01780212 
_atom_sites.fract_transf_matrix[3][1]   -0.01978170 
_atom_sites.fract_transf_matrix[3][2]   0.01105919 
_atom_sites.fract_transf_matrix[3][3]   -0.00212904 
_atom_sites.fract_transf_vector[1]      0.790932 
_atom_sites.fract_transf_vector[2]      0.517385 
_atom_sites.fract_transf_vector[3]      0.930427 
# 
loop_
_atom_type.symbol 
C 
N 
O 
P 
# 
loop_
_atom_site.group_PDB 
_atom_site.id 
_atom_site.type_symbol 
_atom_site.label_atom_id 
_atom_site.label_alt_id 
_atom_site.label_comp_id 
_atom_site.label_asym_id 
_atom_site.label_entity_id 
_atom_site.label_seq_id 
_atom_site.pdbx_PDB_ins_code 
_atom_site.Cartn_x 
_atom_site.Cartn_y 
_atom_site.Cartn_z 
_atom_site.occupancy 
_atom_site.B_iso_or_equiv 
_atom_site.pdbx_formal_charge 
_atom_site.auth_seq_id 
_atom_site.auth_comp_id 
_atom_site.auth_asym_id 
_atom_site.auth_atom_id 
_atom_site.pdbx_PDB_model_num 
ATOM   1   O "O5'" . DC  A 1 1 ? 8.146   -4.792  -5.767  1.00 21.66 ? 1  DC  A "O5'" 1 
ATOM   2   C "C5'" . DC  A 1 1 ? 8.133   -5.670  -4.679  1.00 7.06  ? 1  DC  A "C5'" 1 
ATOM   3   C "C4'" . DC  A 1 1 ? 8.017   -4.630  -3.645  1.00 15.84 ? 1  DC  A "C4'" 1 
ATOM   4   O "O4'" . DC  A 1 1 ? 6.877   -4.706  -2.839  1.00 11.95 ? 1  DC  A "O4'" 1 
ATOM   5   C "C3'" . DC  A 1 1 ? 9.228   -4.790  -2.664  1.00 22.31 ? 1  DC  A "C3'" 1 
ATOM   6   O "O3'" . DC  A 1 1 ? 9.795   -3.605  -2.063  1.00 13.76 ? 1  DC  A "O3'" 1 
ATOM   7   C "C2'" . DC  A 1 1 ? 8.716   -5.612  -1.526  1.00 13.75 ? 1  DC  A "C2'" 1 
ATOM   8   C "C1'" . DC  A 1 1 ? 7.207   -5.163  -1.607  1.00 10.74 ? 1  DC  A "C1'" 1 
ATOM   9   N N1    . DC  A 1 1 ? 6.564   -6.448  -1.140  1.00 6.72  ? 1  DC  A N1    1 
ATOM   10  C C2    . DC  A 1 1 ? 6.532   -6.575  0.239   1.00 15.15 ? 1  DC  A C2    1 
ATOM   11  O O2    . DC  A 1 1 ? 6.976   -5.635  0.954   1.00 20.37 ? 1  DC  A O2    1 
ATOM   12  N N3    . DC  A 1 1 ? 5.876   -7.643  0.828   1.00 2.85  ? 1  DC  A N3    1 
ATOM   13  C C4    . DC  A 1 1 ? 5.383   -8.599  0.029   1.00 2.38  ? 1  DC  A C4    1 
ATOM   14  N N4    . DC  A 1 1 ? 4.856   -9.580  0.722   1.00 9.57  ? 1  DC  A N4    1 
ATOM   15  C C5    . DC  A 1 1 ? 5.397   -8.448  -1.378  1.00 2.93  ? 1  DC  A C5    1 
ATOM   16  C C6    . DC  A 1 1 ? 5.957   -7.360  -1.928  1.00 6.15  ? 1  DC  A C6    1 
ATOM   17  P P     . DG  A 1 2 ? 10.734  -2.310  -2.790  1.00 26.73 ? 2  DG  A P     1 
ATOM   18  O OP1   . DG  A 1 2 ? 11.547  -2.884  -3.980  1.00 16.70 ? 2  DG  A OP1   1 
ATOM   19  O OP2   . DG  A 1 2 ? 11.450  -1.573  -1.668  1.00 30.49 ? 2  DG  A OP2   1 
ATOM   20  O "O5'" . DG  A 1 2 ? 9.401   -1.386  -3.449  1.00 25.68 ? 2  DG  A "O5'" 1 
ATOM   21  C "C5'" . DG  A 1 2 ? 8.799   -0.337  -3.255  1.00 2.00  ? 2  DG  A "C5'" 1 
ATOM   22  C "C4'" . DG  A 1 2 ? 8.068   -0.127  -4.583  1.00 11.53 ? 2  DG  A "C4'" 1 
ATOM   23  O "O4'" . DG  A 1 2 ? 7.568   -1.146  -5.147  1.00 6.85  ? 2  DG  A "O4'" 1 
ATOM   24  C "C3'" . DG  A 1 2 ? 6.765   0.800   -4.147  1.00 12.33 ? 2  DG  A "C3'" 1 
ATOM   25  O "O3'" . DG  A 1 2 ? 7.310   2.025   -3.824  1.00 13.78 ? 2  DG  A "O3'" 1 
ATOM   26  C "C2'" . DG  A 1 2 ? 5.929   0.608   -5.317  1.00 2.83  ? 2  DG  A "C2'" 1 
ATOM   27  C "C1'" . DG  A 1 2 ? 6.184   -0.737  -5.701  1.00 14.25 ? 2  DG  A "C1'" 1 
ATOM   28  N N9    . DG  A 1 2 ? 5.363   -1.821  -5.165  1.00 19.06 ? 2  DG  A N9    1 
ATOM   29  C C8    . DG  A 1 2 ? 4.650   -2.748  -5.982  1.00 9.99  ? 2  DG  A C8    1 
ATOM   30  N N7    . DG  A 1 2 ? 4.055   -3.643  -5.284  1.00 8.37  ? 2  DG  A N7    1 
ATOM   31  C C5    . DG  A 1 2 ? 4.322   -3.408  -3.971  1.00 12.96 ? 2  DG  A C5    1 
ATOM   32  C C6    . DG  A 1 2 ? 3.863   -4.006  -2.759  1.00 12.29 ? 2  DG  A C6    1 
ATOM   33  O O6    . DG  A 1 2 ? 3.154   -5.076  -2.666  1.00 2.10  ? 2  DG  A O6    1 
ATOM   34  N N1    . DG  A 1 2 ? 4.319   -3.418  -1.641  1.00 8.76  ? 2  DG  A N1    1 
ATOM   35  C C2    . DG  A 1 2 ? 5.180   -2.260  -1.655  1.00 7.08  ? 2  DG  A C2    1 
ATOM   36  N N2    . DG  A 1 2 ? 5.565   -1.785  -0.458  1.00 13.43 ? 2  DG  A N2    1 
ATOM   37  N N3    . DG  A 1 2 ? 5.617   -1.652  -2.741  1.00 9.22  ? 2  DG  A N3    1 
ATOM   38  C C4    . DG  A 1 2 ? 5.202   -2.322  -3.915  1.00 21.94 ? 2  DG  A C4    1 
ATOM   39  P P     . DC  A 1 3 ? 7.183   3.092   -2.604  1.00 21.62 ? 3  DC  A P     1 
ATOM   40  O OP1   . DC  A 1 3 ? 7.933   4.521   -2.817  1.00 27.37 ? 3  DC  A OP1   1 
ATOM   41  O OP2   . DC  A 1 3 ? 7.924   2.345   -1.491  1.00 21.92 ? 3  DC  A OP2   1 
ATOM   42  O "O5'" . DC  A 1 3 ? 5.596   3.269   -2.301  1.00 14.98 ? 3  DC  A "O5'" 1 
ATOM   43  C "C5'" . DC  A 1 3 ? 5.153   4.460   -1.487  1.00 4.95  ? 3  DC  A "C5'" 1 
ATOM   44  C "C4'" . DC  A 1 3 ? 4.040   3.841   -0.512  1.00 12.03 ? 3  DC  A "C4'" 1 
ATOM   45  O "O4'" . DC  A 1 3 ? 3.020   3.140   -1.158  1.00 5.48  ? 3  DC  A "O4'" 1 
ATOM   46  C "C3'" . DC  A 1 3 ? 4.574   2.840   0.512   1.00 7.94  ? 3  DC  A "C3'" 1 
ATOM   47  O "O3'" . DC  A 1 3 ? 3.988   3.067   1.776   1.00 11.68 ? 3  DC  A "O3'" 1 
ATOM   48  C "C2'" . DC  A 1 3 ? 4.210   1.407   0.100   1.00 4.52  ? 3  DC  A "C2'" 1 
ATOM   49  C "C1'" . DC  A 1 3 ? 2.895   1.868   -0.538  1.00 7.71  ? 3  DC  A "C1'" 1 
ATOM   50  N N1    . DC  A 1 3 ? 2.503   0.854   -1.560  1.00 14.45 ? 3  DC  A N1    1 
ATOM   51  C C2    . DC  A 1 3 ? 1.900   -0.332  -1.090  1.00 9.64  ? 3  DC  A C2    1 
ATOM   52  O O2    . DC  A 1 3 ? 1.748   -0.516  0.074   1.00 7.80  ? 3  DC  A O2    1 
ATOM   53  N N3    . DC  A 1 3 ? 1.504   -1.273  -2.058  1.00 7.47  ? 3  DC  A N3    1 
ATOM   54  C C4    . DC  A 1 3 ? 1.763   -0.983  -3.376  1.00 6.58  ? 3  DC  A C4    1 
ATOM   55  N N4    . DC  A 1 3 ? 1.338   -1.929  -4.245  1.00 9.65  ? 3  DC  A N4    1 
ATOM   56  C C5    . DC  A 1 3 ? 2.368   0.146   -3.840  1.00 7.27  ? 3  DC  A C5    1 
ATOM   57  C C6    . DC  A 1 3 ? 2.755   1.090   -2.909  1.00 9.87  ? 3  DC  A C6    1 
ATOM   58  P P     . DG  A 1 4 ? 4.632   4.203   2.770   1.00 18.17 ? 4  DG  A P     1 
ATOM   59  O OP1   . DG  A 1 4 ? 6.065   3.930   2.696   1.00 20.04 ? 4  DG  A OP1   1 
ATOM   60  O OP2   . DG  A 1 4 ? 3.824   3.902   4.110   1.00 20.99 ? 4  DG  A OP2   1 
ATOM   61  O "O5'" . DG  A 1 4 ? 4.103   5.691   2.271   1.00 13.57 ? 4  DG  A "O5'" 1 
ATOM   62  C "C5'" . DG  A 1 4 ? 2.839   6.059   2.577   1.00 3.13  ? 4  DG  A "C5'" 1 
ATOM   63  C "C4'" . DG  A 1 4 ? 2.891   7.408   1.779   1.00 17.04 ? 4  DG  A "C4'" 1 
ATOM   64  O "O4'" . DG  A 1 4 ? 3.478   7.157   0.555   1.00 8.01  ? 4  DG  A "O4'" 1 
ATOM   65  C "C3'" . DG  A 1 4 ? 1.446   8.077   1.627   1.00 5.92  ? 4  DG  A "C3'" 1 
ATOM   66  O "O3'" . DG  A 1 4 ? 1.252   8.967   2.650   1.00 15.56 ? 4  DG  A "O3'" 1 
ATOM   67  C "C2'" . DG  A 1 4 ? 1.470   8.688   0.255   1.00 13.32 ? 4  DG  A "C2'" 1 
ATOM   68  C "C1'" . DG  A 1 4 ? 2.677   8.002   -0.436  1.00 23.15 ? 4  DG  A "C1'" 1 
ATOM   69  N N9    . DG  A 1 4 ? 2.251   7.206   -1.644  1.00 14.00 ? 4  DG  A N9    1 
ATOM   70  C C8    . DG  A 1 4 ? 2.524   7.392   -2.887  1.00 9.71  ? 4  DG  A C8    1 
ATOM   71  N N7    . DG  A 1 4 ? 1.982   6.539   -3.735  1.00 15.50 ? 4  DG  A N7    1 
ATOM   72  C C5    . DG  A 1 4 ? 1.295   5.635   -2.980  1.00 12.16 ? 4  DG  A C5    1 
ATOM   73  C C6    . DG  A 1 4 ? 0.536   4.458   -3.266  1.00 5.86  ? 4  DG  A C6    1 
ATOM   74  O O6    . DG  A 1 4 ? 0.318   4.013   -4.302  1.00 11.87 ? 4  DG  A O6    1 
ATOM   75  N N1    . DG  A 1 4 ? -0.089  3.860   -2.118  1.00 5.85  ? 4  DG  A N1    1 
ATOM   76  C C2    . DG  A 1 4 ? 0.126   4.306   -0.855  1.00 7.70  ? 4  DG  A C2    1 
ATOM   77  N N2    . DG  A 1 4 ? -0.432  3.647   0.103   1.00 8.71  ? 4  DG  A N2    1 
ATOM   78  N N3    . DG  A 1 4 ? 0.829   5.423   -0.465  1.00 9.15  ? 4  DG  A N3    1 
ATOM   79  C C4    . DG  A 1 4 ? 1.406   6.053   -1.608  1.00 15.80 ? 4  DG  A C4    1 
HETATM 80  N N1    . C45 A 1 5 ? -2.759  6.667   -0.450  1.00 12.42 ? 5  C45 A N1    1 
HETATM 81  C C2    . C45 A 1 5 ? -3.104  5.872   -1.651  1.00 11.22 ? 5  C45 A C2    1 
HETATM 82  N N3    . C45 A 1 5 ? -2.567  6.317   -2.774  1.00 9.38  ? 5  C45 A N3    1 
HETATM 83  C C4    . C45 A 1 5 ? -1.815  7.435   -3.014  1.00 20.79 ? 5  C45 A C4    1 
HETATM 84  C C5    . C45 A 1 5 ? -1.479  8.295   -1.808  1.00 19.07 ? 5  C45 A C5    1 
HETATM 85  C C6    . C45 A 1 5 ? -2.021  7.887   -0.632  1.00 15.03 ? 5  C45 A C6    1 
HETATM 86  O O2    . C45 A 1 5 ? -3.671  4.898   -1.634  1.00 11.90 ? 5  C45 A O2    1 
HETATM 87  N N4    . C45 A 1 5 ? -1.404  7.823   -4.162  1.00 22.14 ? 5  C45 A N4    1 
HETATM 88  C "C1'" . C45 A 1 5 ? -3.160  6.365   0.924   1.00 10.81 ? 5  C45 A "C1'" 1 
HETATM 89  C "C2'" . C45 A 1 5 ? -2.222  5.619   1.854   1.00 9.23  ? 5  C45 A "C2'" 1 
HETATM 90  C CM2   . C45 A 1 5 ? -1.287  7.281   -6.323  1.00 19.37 ? 5  C45 A CM2   1 
HETATM 91  C "C3'" . C45 A 1 5 ? -2.677  6.088   3.121   1.00 12.32 ? 5  C45 A "C3'" 1 
HETATM 92  C "C4'" . C45 A 1 5 ? -3.309  7.519   2.940   1.00 6.82  ? 5  C45 A "C4'" 1 
HETATM 93  O "O4'" . C45 A 1 5 ? -3.318  7.696   1.551   1.00 11.93 ? 5  C45 A "O4'" 1 
HETATM 94  O "O3'" . C45 A 1 5 ? -3.766  5.290   3.779   1.00 12.92 ? 5  C45 A "O3'" 1 
HETATM 95  C "C5'" . C45 A 1 5 ? -2.614  8.730   3.525   1.00 9.42  ? 5  C45 A "C5'" 1 
HETATM 96  O "O5'" . C45 A 1 5 ? -1.183  8.370   2.876   1.00 18.44 ? 5  C45 A "O5'" 1 
HETATM 97  P P     . C45 A 1 5 ? 0.107   8.771   3.728   1.00 32.35 ? 5  C45 A P     1 
HETATM 98  O O1P   . C45 A 1 5 ? -0.023  10.203  4.488   1.00 36.47 ? 5  C45 A O1P   1 
HETATM 99  O O2P   . C45 A 1 5 ? 0.463   7.736   4.899   1.00 26.29 ? 5  C45 A O2P   1 
HETATM 100 O O     . C45 A 1 5 ? -1.837  6.819   -5.023  1.00 35.48 ? 5  C45 A O     1 
ATOM   101 P P     . DG  A 1 6 ? -3.868  4.908   5.282   1.00 13.59 ? 6  DG  A P     1 
ATOM   102 O OP1   . DG  A 1 6 ? -2.474  4.643   5.600   1.00 12.75 ? 6  DG  A OP1   1 
ATOM   103 O OP2   . DG  A 1 6 ? -4.876  3.788   5.501   1.00 15.98 ? 6  DG  A OP2   1 
ATOM   104 O "O5'" . DG  A 1 6 ? -4.337  6.262   6.066   1.00 12.32 ? 6  DG  A "O5'" 1 
ATOM   105 C "C5'" . DG  A 1 6 ? -5.724  6.853   5.714   1.00 3.58  ? 6  DG  A "C5'" 1 
ATOM   106 C "C4'" . DG  A 1 6 ? -5.813  7.941   6.597   1.00 5.88  ? 6  DG  A "C4'" 1 
ATOM   107 O "O4'" . DG  A 1 6 ? -5.152  9.117   5.952   1.00 17.90 ? 6  DG  A "O4'" 1 
ATOM   108 C "C3'" . DG  A 1 6 ? -7.242  8.427   6.865   1.00 20.50 ? 6  DG  A "C3'" 1 
ATOM   109 O "O3'" . DG  A 1 6 ? -7.397  9.253   7.992   1.00 17.42 ? 6  DG  A "O3'" 1 
ATOM   110 C "C2'" . DG  A 1 6 ? -7.602  9.121   5.446   1.00 10.07 ? 6  DG  A "C2'" 1 
ATOM   111 C "C1'" . DG  A 1 6 ? -6.292  9.951   5.479   1.00 20.28 ? 6  DG  A "C1'" 1 
ATOM   112 N N9    . DG  A 1 6 ? -5.857  10.405  4.217   1.00 11.82 ? 6  DG  A N9    1 
ATOM   113 C C8    . DG  A 1 6 ? -5.244  11.524  3.868   1.00 10.19 ? 6  DG  A C8    1 
ATOM   114 N N7    . DG  A 1 6 ? -5.020  11.612  2.572   1.00 14.07 ? 6  DG  A N7    1 
ATOM   115 C C5    . DG  A 1 6 ? -5.448  10.395  2.010   1.00 10.60 ? 6  DG  A C5    1 
ATOM   116 C C6    . DG  A 1 6 ? -5.336  9.927   0.739   1.00 8.00  ? 6  DG  A C6    1 
ATOM   117 O O6    . DG  A 1 6 ? -4.871  10.433  -0.241  1.00 10.06 ? 6  DG  A O6    1 
ATOM   118 N N1    . DG  A 1 6 ? -5.963  8.689   0.573   1.00 22.51 ? 6  DG  A N1    1 
ATOM   119 C C2    . DG  A 1 6 ? -6.517  7.981   1.664   1.00 2.83  ? 6  DG  A C2    1 
ATOM   120 N N2    . DG  A 1 6 ? -7.146  6.764   1.426   1.00 4.72  ? 6  DG  A N2    1 
ATOM   121 N N3    . DG  A 1 6 ? -6.624  8.437   2.905   1.00 7.78  ? 6  DG  A N3    1 
ATOM   122 C C4    . DG  A 1 6 ? -5.971  9.646   2.983   1.00 7.53  ? 6  DG  A C4    1 
ATOM   123 O "O5'" . DC  B 1 1 ? -7.982  4.441   -7.015  1.00 27.58 ? 7  DC  B "O5'" 1 
ATOM   124 C "C5'" . DC  B 1 1 ? -7.831  3.084   -6.770  1.00 17.10 ? 7  DC  B "C5'" 1 
ATOM   125 C "C4'" . DC  B 1 1 ? -7.839  2.904   -5.203  1.00 2.92  ? 7  DC  B "C4'" 1 
ATOM   126 O "O4'" . DC  B 1 1 ? -6.948  3.751   -4.702  1.00 19.22 ? 7  DC  B "O4'" 1 
ATOM   127 C "C3'" . DC  B 1 1 ? -9.097  3.325   -4.420  1.00 20.45 ? 7  DC  B "C3'" 1 
ATOM   128 O "O3'" . DC  B 1 1 ? -9.483  2.371   -3.309  1.00 17.70 ? 7  DC  B "O3'" 1 
ATOM   129 C "C2'" . DC  B 1 1 ? -8.807  4.668   -3.906  1.00 3.47  ? 7  DC  B "C2'" 1 
ATOM   130 C "C1'" . DC  B 1 1 ? -7.372  4.428   -3.640  1.00 12.19 ? 7  DC  B "C1'" 1 
ATOM   131 N N1    . DC  B 1 1 ? -6.662  5.720   -3.622  1.00 15.83 ? 7  DC  B N1    1 
ATOM   132 C C2    . DC  B 1 1 ? -6.581  6.241   -2.369  1.00 14.29 ? 7  DC  B C2    1 
ATOM   133 O O2    . DC  B 1 1 ? -7.137  5.615   -1.295  1.00 14.51 ? 7  DC  B O2    1 
ATOM   134 N N3    . DC  B 1 1 ? -5.965  7.474   -2.205  1.00 17.36 ? 7  DC  B N3    1 
ATOM   135 C C4    . DC  B 1 1 ? -5.493  8.163   -3.248  1.00 12.75 ? 7  DC  B C4    1 
ATOM   136 N N4    . DC  B 1 1 ? -4.995  9.269   -2.974  1.00 9.71  ? 7  DC  B N4    1 
ATOM   137 C C5    . DC  B 1 1 ? -5.580  7.604   -4.540  1.00 4.91  ? 7  DC  B C5    1 
ATOM   138 C C6    . DC  B 1 1 ? -6.178  6.366   -4.665  1.00 14.29 ? 7  DC  B C6    1 
ATOM   139 P P     . DG  B 1 2 ? -10.464 1.020   -3.978  1.00 33.31 ? 8  DG  B P     1 
ATOM   140 O OP1   . DG  B 1 2 ? -11.196 1.632   -5.267  1.00 38.23 ? 8  DG  B OP1   1 
ATOM   141 O OP2   . DG  B 1 2 ? -11.318 0.675   -2.905  1.00 29.28 ? 8  DG  B OP2   1 
ATOM   142 O "O5'" . DG  B 1 2 ? -9.248  0.042   -4.485  1.00 40.76 ? 8  DG  B "O5'" 1 
ATOM   143 C "C5'" . DG  B 1 2 ? -8.254  -0.712  -3.634  1.00 26.80 ? 8  DG  B "C5'" 1 
ATOM   144 C "C4'" . DG  B 1 2 ? -7.557  -1.467  -4.775  1.00 8.18  ? 8  DG  B "C4'" 1 
ATOM   145 O "O4'" . DG  B 1 2 ? -7.153  -0.697  -5.853  1.00 20.35 ? 8  DG  B "O4'" 1 
ATOM   146 C "C3'" . DG  B 1 2 ? -6.292  -2.073  -4.136  1.00 6.83  ? 8  DG  B "C3'" 1 
ATOM   147 O "O3'" . DG  B 1 2 ? -6.623  -3.341  -3.611  1.00 18.81 ? 8  DG  B "O3'" 1 
ATOM   148 C "C2'" . DG  B 1 2 ? -5.280  -2.045  -5.269  1.00 12.78 ? 8  DG  B "C2'" 1 
ATOM   149 C "C1'" . DG  B 1 2 ? -5.711  -0.963  -6.214  1.00 13.63 ? 8  DG  B "C1'" 1 
ATOM   150 N N9    . DG  B 1 2 ? -4.973  0.219   -6.085  1.00 16.80 ? 8  DG  B N9    1 
ATOM   151 C C8    . DG  B 1 2 ? -4.373  0.907   -7.097  1.00 14.41 ? 8  DG  B C8    1 
ATOM   152 N N7    . DG  B 1 2 ? -3.811  2.102   -6.735  1.00 18.77 ? 8  DG  B N7    1 
ATOM   153 C C5    . DG  B 1 2 ? -4.108  2.250   -5.305  1.00 12.70 ? 8  DG  B C5    1 
ATOM   154 C C6    . DG  B 1 2 ? -3.775  3.199   -4.366  1.00 2.20  ? 8  DG  B C6    1 
ATOM   155 O O6    . DG  B 1 2 ? -3.215  4.275   -4.501  1.00 17.14 ? 8  DG  B O6    1 
ATOM   156 N N1    . DG  B 1 2 ? -4.205  2.990   -3.098  1.00 5.03  ? 8  DG  B N1    1 
ATOM   157 C C2    . DG  B 1 2 ? -4.938  1.862   -2.761  1.00 8.32  ? 8  DG  B C2    1 
ATOM   158 N N2    . DG  B 1 2 ? -5.424  1.741   -1.645  1.00 6.99  ? 8  DG  B N2    1 
ATOM   159 N N3    . DG  B 1 2 ? -5.343  0.876   -3.660  1.00 18.04 ? 8  DG  B N3    1 
ATOM   160 C C4    . DG  B 1 2 ? -4.847  1.104   -4.917  1.00 7.01  ? 8  DG  B C4    1 
ATOM   161 P P     . DC  B 1 3 ? -6.572  -3.790  -2.005  1.00 26.10 ? 9  DC  B P     1 
ATOM   162 O OP1   . DC  B 1 3 ? -6.902  -5.371  -1.834  1.00 35.98 ? 9  DC  B OP1   1 
ATOM   163 O OP2   . DC  B 1 3 ? -7.516  -3.162  -1.152  1.00 20.13 ? 9  DC  B OP2   1 
ATOM   164 O "O5'" . DC  B 1 3 ? -5.025  -3.516  -1.705  1.00 16.25 ? 9  DC  B "O5'" 1 
ATOM   165 C "C5'" . DC  B 1 3 ? -4.407  -4.484  -0.642  1.00 24.29 ? 9  DC  B "C5'" 1 
ATOM   166 C "C4'" . DC  B 1 3 ? -3.626  -3.453  0.142   1.00 15.69 ? 9  DC  B "C4'" 1 
ATOM   167 O "O4'" . DC  B 1 3 ? -2.518  -2.818  -0.661  1.00 8.27  ? 9  DC  B "O4'" 1 
ATOM   168 C "C3'" . DC  B 1 3 ? -4.433  -2.248  0.689   1.00 18.53 ? 9  DC  B "C3'" 1 
ATOM   169 O "O3'" . DC  B 1 3 ? -4.005  -1.828  2.052   1.00 24.13 ? 9  DC  B "O3'" 1 
ATOM   170 C "C2'" . DC  B 1 3 ? -4.264  -1.190  -0.414  1.00 11.80 ? 9  DC  B "C2'" 1 
ATOM   171 C "C1'" . DC  B 1 3 ? -2.723  -1.340  -0.566  1.00 7.02  ? 9  DC  B "C1'" 1 
ATOM   172 N N1    . DC  B 1 3 ? -2.245  -0.582  -1.678  1.00 12.19 ? 9  DC  B N1    1 
ATOM   173 C C2    . DC  B 1 3 ? -1.635  0.725   -1.501  1.00 4.18  ? 9  DC  B C2    1 
ATOM   174 O O2    . DC  B 1 3 ? -1.609  1.129   -0.299  1.00 6.65  ? 9  DC  B O2    1 
ATOM   175 N N3    . DC  B 1 3 ? -1.134  1.388   -2.523  1.00 9.19  ? 9  DC  B N3    1 
ATOM   176 C C4    . DC  B 1 3 ? -1.129  0.873   -3.787  1.00 11.61 ? 9  DC  B C4    1 
ATOM   177 N N4    . DC  B 1 3 ? -0.573  1.535   -4.811  1.00 8.77  ? 9  DC  B N4    1 
ATOM   178 C C5    . DC  B 1 3 ? -1.788  -0.475  -4.063  1.00 5.22  ? 9  DC  B C5    1 
ATOM   179 C C6    . DC  B 1 3 ? -2.237  -1.156  -2.997  1.00 9.00  ? 9  DC  B C6    1 
ATOM   180 P P     . DG  B 1 4 ? -4.805  -2.596  3.277   1.00 23.67 ? 10 DG  B P     1 
ATOM   181 O OP1   . DG  B 1 4 ? -6.206  -2.611  2.931   1.00 21.63 ? 10 DG  B OP1   1 
ATOM   182 O OP2   . DG  B 1 4 ? -4.112  -2.195  4.419   1.00 23.06 ? 10 DG  B OP2   1 
ATOM   183 O "O5'" . DG  B 1 4 ? -4.275  -4.286  2.828   1.00 21.84 ? 10 DG  B "O5'" 1 
ATOM   184 C "C5'" . DG  B 1 4 ? -3.294  -4.877  3.554   1.00 12.87 ? 10 DG  B "C5'" 1 
ATOM   185 C "C4'" . DG  B 1 4 ? -3.206  -6.338  3.043   1.00 11.42 ? 10 DG  B "C4'" 1 
ATOM   186 O "O4'" . DG  B 1 4 ? -3.462  -6.433  1.732   1.00 9.64  ? 10 DG  B "O4'" 1 
ATOM   187 C "C3'" . DG  B 1 4 ? -1.744  -6.874  3.352   1.00 10.80 ? 10 DG  B "C3'" 1 
ATOM   188 O "O3'" . DG  B 1 4 ? -1.734  -7.398  4.618   1.00 30.88 ? 10 DG  B "O3'" 1 
ATOM   189 C "C2'" . DG  B 1 4 ? -1.585  -7.864  2.307   1.00 8.16  ? 10 DG  B "C2'" 1 
ATOM   190 C "C1'" . DG  B 1 4 ? -2.484  -7.540  1.220   1.00 16.13 ? 10 DG  B "C1'" 1 
ATOM   191 N N9    . DG  B 1 4 ? -1.930  -7.004  -0.064  1.00 10.39 ? 10 DG  B N9    1 
ATOM   192 C C8    . DG  B 1 4 ? -2.118  -7.390  -1.345  1.00 12.82 ? 10 DG  B C8    1 
ATOM   193 N N7    . DG  B 1 4 ? -1.559  -6.662  -2.307  1.00 4.11  ? 10 DG  B N7    1 
ATOM   194 C C5    . DG  B 1 4 ? -0.937  -5.688  -1.610  1.00 12.45 ? 10 DG  B C5    1 
ATOM   195 C C6    . DG  B 1 4 ? -0.150  -4.535  -1.994  1.00 11.67 ? 10 DG  B C6    1 
ATOM   196 O O6    . DG  B 1 4 ? 0.077   -4.251  -3.136  1.00 14.77 ? 10 DG  B O6    1 
ATOM   197 N N1    . DG  B 1 4 ? 0.299   -3.710  -0.938  1.00 11.72 ? 10 DG  B N1    1 
ATOM   198 C C2    . DG  B 1 4 ? -0.042  -3.954  0.399   1.00 7.94  ? 10 DG  B C2    1 
ATOM   199 N N2    . DG  B 1 4 ? 0.460   -3.106  1.213   1.00 4.03  ? 10 DG  B N2    1 
ATOM   200 N N3    . DG  B 1 4 ? -0.653  -4.981  0.875   1.00 8.21  ? 10 DG  B N3    1 
ATOM   201 C C4    . DG  B 1 4 ? -1.195  -5.802  -0.175  1.00 24.64 ? 10 DG  B C4    1 
HETATM 202 N N1    . C45 B 1 5 ? 2.707   -6.479  2.050   1.00 4.87  ? 11 C45 B N1    1 
HETATM 203 C C2    . C45 B 1 5 ? 2.903   -5.908  0.787   1.00 4.61  ? 11 C45 B C2    1 
HETATM 204 N N3    . C45 B 1 5 ? 2.513   -6.674  -0.365  1.00 5.95  ? 11 C45 B N3    1 
HETATM 205 C C4    . C45 B 1 5 ? 1.972   -7.933  -0.233  1.00 11.74 ? 11 C45 B C4    1 
HETATM 206 C C5    . C45 B 1 5 ? 1.725   -8.447  1.167   1.00 4.60  ? 11 C45 B C5    1 
HETATM 207 C C6    . C45 B 1 5 ? 2.145   -7.642  2.209   1.00 12.51 ? 11 C45 B C6    1 
HETATM 208 O O2    . C45 B 1 5 ? 3.555   -4.854  0.587   1.00 10.55 ? 11 C45 B O2    1 
HETATM 209 N N4    . C45 B 1 5 ? 1.601   -8.668  -1.259  1.00 7.98  ? 11 C45 B N4    1 
HETATM 210 C "C1'" . C45 B 1 5 ? 3.241   -5.799  3.192   1.00 7.03  ? 11 C45 B "C1'" 1 
HETATM 211 C "C2'" . C45 B 1 5 ? 2.277   -4.646  3.581   1.00 9.05  ? 11 C45 B "C2'" 1 
HETATM 212 C CM2   . C45 B 1 5 ? 1.459   -8.835  -3.439  1.00 6.96  ? 11 C45 B CM2   1 
HETATM 213 C "C3'" . C45 B 1 5 ? 2.538   -4.677  5.076   1.00 2.09  ? 11 C45 B "C3'" 1 
HETATM 214 C "C4'" . C45 B 1 5 ? 3.028   -6.138  5.434   1.00 7.59  ? 11 C45 B "C4'" 1 
HETATM 215 O "O4'" . C45 B 1 5 ? 3.334   -6.695  4.245   1.00 4.29  ? 11 C45 B "O4'" 1 
HETATM 216 O "O3'" . C45 B 1 5 ? 3.481   -3.703  5.371   1.00 7.06  ? 11 C45 B "O3'" 1 
HETATM 217 C "C5'" . C45 B 1 5 ? 1.963   -6.992  6.201   1.00 15.70 ? 11 C45 B "C5'" 1 
HETATM 218 O "O5'" . C45 B 1 5 ? 0.674   -6.898  5.227   1.00 29.35 ? 11 C45 B "O5'" 1 
HETATM 219 P P     . C45 B 1 5 ? -0.788  -6.963  5.887   1.00 33.30 ? 11 C45 B P     1 
HETATM 220 O O1P   . C45 B 1 5 ? -0.872  -8.238  6.899   1.00 29.96 ? 11 C45 B O1P   1 
HETATM 221 O O2P   . C45 B 1 5 ? -1.267  -5.748  6.499   1.00 30.34 ? 11 C45 B O2P   1 
HETATM 222 O O     . C45 B 1 5 ? 1.906   -8.019  -2.375  1.00 7.80  ? 11 C45 B O     1 
ATOM   223 P P     . DG  B 1 6 ? 3.587   -2.777  6.669   1.00 13.32 ? 12 DG  B P     1 
ATOM   224 O OP1   . DG  B 1 6 ? 2.212   -1.930  6.927   1.00 19.34 ? 12 DG  B OP1   1 
ATOM   225 O OP2   . DG  B 1 6 ? 4.747   -2.018  6.539   1.00 12.76 ? 12 DG  B OP2   1 
ATOM   226 O "O5'" . DG  B 1 6 ? 3.754   -3.813  7.802   1.00 12.84 ? 12 DG  B "O5'" 1 
ATOM   227 C "C5'" . DG  B 1 6 ? 5.033   -4.491  7.992   1.00 13.78 ? 12 DG  B "C5'" 1 
ATOM   228 C "C4'" . DG  B 1 6 ? 4.709   -5.334  9.300   1.00 13.66 ? 12 DG  B "C4'" 1 
ATOM   229 O "O4'" . DG  B 1 6 ? 4.133   -6.536  8.975   1.00 7.12  ? 12 DG  B "O4'" 1 
ATOM   230 C "C3'" . DG  B 1 6 ? 6.009   -5.561  10.171  1.00 16.36 ? 12 DG  B "C3'" 1 
ATOM   231 O "O3'" . DG  B 1 6 ? 5.764   -5.690  11.602  1.00 12.14 ? 12 DG  B "O3'" 1 
ATOM   232 C "C2'" . DG  B 1 6 ? 6.564   -6.764  9.292   1.00 30.87 ? 12 DG  B "C2'" 1 
ATOM   233 C "C1'" . DG  B 1 6 ? 5.255   -7.601  8.941   1.00 22.35 ? 12 DG  B "C1'" 1 
ATOM   234 N N9    . DG  B 1 6 ? 5.116   -8.418  7.731   1.00 18.79 ? 12 DG  B N9    1 
ATOM   235 C C8    . DG  B 1 6 ? 4.430   -9.635  7.632   1.00 12.74 ? 12 DG  B C8    1 
ATOM   236 N N7    . DG  B 1 6 ? 4.361   -10.157 6.398   1.00 9.82  ? 12 DG  B N7    1 
ATOM   237 C C5    . DG  B 1 6 ? 4.978   -9.257  5.579   1.00 10.24 ? 12 DG  B C5    1 
ATOM   238 C C6    . DG  B 1 6 ? 5.154   -9.200  4.205   1.00 6.35  ? 12 DG  B C6    1 
ATOM   239 O O6    . DG  B 1 6 ? 4.893   -9.937  3.404   1.00 10.26 ? 12 DG  B O6    1 
ATOM   240 N N1    . DG  B 1 6 ? 5.829   -8.073  3.736   1.00 6.83  ? 12 DG  B N1    1 
ATOM   241 C C2    . DG  B 1 6 ? 6.255   -7.078  4.659   1.00 13.04 ? 12 DG  B C2    1 
ATOM   242 N N2    . DG  B 1 6 ? 6.846   -5.959  4.230   1.00 10.54 ? 12 DG  B N2    1 
ATOM   243 N N3    . DG  B 1 6 ? 6.114   -7.069  5.978   1.00 13.98 ? 12 DG  B N3    1 
ATOM   244 C C4    . DG  B 1 6 ? 5.448   -8.211  6.367   1.00 14.24 ? 12 DG  B C4    1 
HETATM 245 O O     . HOH C 2 . ? 7.258   0.152   0.089   1.00 9.04  ? 13 HOH A O     1 
HETATM 246 O O     . HOH C 2 . ? 6.554   0.967   2.807   1.00 33.81 ? 14 HOH A O     1 
HETATM 247 O O     . HOH C 2 . ? 9.617   -1.026  0.972   1.00 14.62 ? 15 HOH A O     1 
HETATM 248 O O     . HOH C 2 . ? 11.188  -4.336  -6.214  1.00 31.96 ? 16 HOH A O     1 
HETATM 249 O O     . HOH C 2 . ? -4.878  2.396   2.843   1.00 30.13 ? 18 HOH A O     1 
HETATM 250 O O     . HOH C 2 . ? 1.566   3.524   -6.738  1.00 51.30 ? 19 HOH A O     1 
HETATM 251 O O     . HOH C 2 . ? 14.888  -0.777  0.805   1.00 24.85 ? 20 HOH A O     1 
HETATM 252 O O     . HOH C 2 . ? -3.576  12.934  0.651   1.00 36.57 ? 24 HOH A O     1 
HETATM 253 O O     . HOH C 2 . ? 4.398   2.858   -5.097  1.00 27.61 ? 25 HOH A O     1 
HETATM 254 O O     . HOH C 2 . ? 11.283  5.317   0.318   1.00 50.55 ? 27 HOH A O     1 
HETATM 255 O O     . HOH C 2 . ? -7.430  4.765   3.483   1.00 16.19 ? 33 HOH A O     1 
HETATM 256 O O     . HOH C 2 . ? 13.996  -5.652  -4.238  1.00 59.54 ? 35 HOH A O     1 
HETATM 257 O O     . HOH C 2 . ? 5.491   -2.769  2.433   1.00 28.27 ? 38 HOH A O     1 
HETATM 258 O O     . HOH C 2 . ? 14.734  -2.786  -5.042  1.00 40.43 ? 39 HOH A O     1 
HETATM 259 O O     . HOH C 2 . ? -5.413  14.842  0.831   1.00 18.98 ? 41 HOH A O     1 
HETATM 260 O O     . HOH C 2 . ? 3.389   -11.648 -1.223  1.00 9.81  ? 43 HOH A O     1 
HETATM 261 O O     . HOH C 2 . ? 3.450   -6.986  -4.499  1.00 44.71 ? 44 HOH A O     1 
HETATM 262 O O     . HOH C 2 . ? 9.816   -6.452  -6.997  1.00 38.14 ? 45 HOH A O     1 
HETATM 263 O O     . HOH C 2 . ? 9.218   -0.455  4.351   1.00 38.33 ? 47 HOH A O     1 
HETATM 264 O O     . HOH C 2 . ? -1.287  12.151  -1.040  1.00 52.72 ? 50 HOH A O     1 
HETATM 265 O O     . HOH C 2 . ? 2.251   -0.841  3.192   1.00 25.62 ? 51 HOH A O     1 
HETATM 266 O O     . HOH C 2 . ? 8.926   -3.676  2.072   1.00 34.75 ? 52 HOH A O     1 
HETATM 267 O O     . HOH C 2 . ? 0.670   -13.003 0.038   1.00 36.80 ? 54 HOH A O     1 
HETATM 268 O O     . HOH C 2 . ? 4.672   -11.101 -3.553  1.00 21.54 ? 57 HOH A O     1 
HETATM 269 O O     . HOH C 2 . ? -5.822  3.222   8.243   1.00 30.77 ? 58 HOH A O     1 
HETATM 270 O O     . HOH C 2 . ? -7.434  5.220   8.890   1.00 19.87 ? 59 HOH A O     1 
HETATM 271 O O     . HOH C 2 . ? 0.462   3.590   2.922   1.00 12.93 ? 61 HOH A O     1 
HETATM 272 O O     . HOH C 2 . ? -1.172  11.208  1.546   1.00 21.73 ? 63 HOH A O     1 
HETATM 273 O O     . HOH C 2 . ? -4.746  0.734   8.201   1.00 59.95 ? 64 HOH A O     1 
HETATM 274 O O     . HOH C 2 . ? -0.212  13.258  2.286   1.00 44.59 ? 67 HOH A O     1 
HETATM 275 O O     . HOH C 2 . ? 0.421   5.135   5.365   1.00 38.24 ? 68 HOH A O     1 
HETATM 276 O O     . HOH C 2 . ? 2.262   -5.180  -7.462  1.00 50.25 ? 70 HOH A O     1 
HETATM 277 O O     . HOH C 2 . ? 0.396   0.655   1.988   1.00 45.74 ? 72 HOH A O     1 
HETATM 278 O O     . HOH C 2 . ? 9.408   3.292   0.457   1.00 40.83 ? 73 HOH A O     1 
HETATM 279 O O     . HOH D 2 . ? -0.083  -2.515  3.795   1.00 26.49 ? 17 HOH B O     1 
HETATM 280 O O     . HOH D 2 . ? -5.204  3.618   0.713   1.00 27.19 ? 21 HOH B O     1 
HETATM 281 O O     . HOH D 2 . ? -0.402  -10.622 5.841   1.00 27.96 ? 22 HOH B O     1 
HETATM 282 O O     . HOH D 2 . ? -2.983  -0.060  5.588   1.00 41.31 ? 23 HOH B O     1 
HETATM 283 O O     . HOH D 2 . ? -7.477  -0.085  -0.598  1.00 13.10 ? 26 HOH B O     1 
HETATM 284 O O     . HOH D 2 . ? -9.288  2.891   -0.066  1.00 22.02 ? 28 HOH B O     1 
HETATM 285 O O     . HOH D 2 . ? -3.526  10.584  -5.183  1.00 24.95 ? 29 HOH B O     1 
HETATM 286 O O     . HOH D 2 . ? 3.427   -11.806 4.174   1.00 39.76 ? 30 HOH B O     1 
HETATM 287 O O     . HOH D 2 . ? 4.977   0.285   4.501   1.00 31.56 ? 31 HOH B O     1 
HETATM 288 O O     . HOH D 2 . ? 7.187   -3.103  5.428   1.00 16.35 ? 32 HOH B O     1 
HETATM 289 O O     . HOH D 2 . ? -9.703  -0.904  -1.417  1.00 29.79 ? 34 HOH B O     1 
HETATM 290 O O     . HOH D 2 . ? 0.720   0.894   -9.921  1.00 42.20 ? 36 HOH B O     1 
HETATM 291 O O     . HOH D 2 . ? -2.171  1.051   2.240   1.00 39.68 ? 37 HOH B O     1 
HETATM 292 O O     . HOH D 2 . ? -8.463  -2.359  1.613   1.00 46.81 ? 40 HOH B O     1 
HETATM 293 O O     . HOH D 2 . ? -4.403  -5.542  -3.864  1.00 27.70 ? 42 HOH B O     1 
HETATM 294 O O     . HOH D 2 . ? -7.936  0.092   4.918   1.00 35.23 ? 46 HOH B O     1 
HETATM 295 O O     . HOH D 2 . ? -9.077  0.956   -6.864  1.00 22.62 ? 48 HOH B O     1 
HETATM 296 O O     . HOH D 2 . ? -2.163  -3.945  -5.118  1.00 25.07 ? 49 HOH B O     1 
HETATM 297 O O     . HOH D 2 . ? -3.022  -1.884  7.226   1.00 42.76 ? 53 HOH B O     1 
HETATM 298 O O     . HOH D 2 . ? 1.160   -5.522  -5.338  1.00 19.85 ? 55 HOH B O     1 
HETATM 299 O O     . HOH D 2 . ? -3.590  -3.060  -7.095  1.00 30.83 ? 56 HOH B O     1 
HETATM 300 O O     . HOH D 2 . ? -0.480  -2.435  10.052  1.00 37.97 ? 60 HOH B O     1 
HETATM 301 O O     . HOH D 2 . ? -7.000  -0.159  2.007   1.00 28.52 ? 62 HOH B O     1 
HETATM 302 O O     . HOH D 2 . ? -1.574  2.385   -8.189  1.00 29.91 ? 65 HOH B O     1 
HETATM 303 O O     . HOH D 2 . ? -1.395  -7.656  -5.021  1.00 38.19 ? 66 HOH B O     1 
HETATM 304 O O     . HOH D 2 . ? -3.264  3.731   -12.157 1.00 43.41 ? 69 HOH B O     1 
HETATM 305 O O     . HOH D 2 . ? -5.924  5.826   -9.309  1.00 27.24 ? 71 HOH B O     1 
HETATM 306 O O     . HOH D 2 . ? 0.922   -1.577  -7.761  1.00 43.77 ? 74 HOH B O     1 
HETATM 307 O O     . HOH D 2 . ? -3.038  -7.028  8.509   1.00 45.77 ? 75 HOH B O     1 
HETATM 308 O O     . HOH D 2 . ? -12.946 0.271   -7.359  1.00 52.20 ? 76 HOH B O     1 
HETATM 309 O O     . HOH D 2 . ? -7.969  -2.143  5.494   1.00 43.98 ? 77 HOH B O     1 
HETATM 310 O O     . HOH D 2 . ? -7.222  -4.865  4.418   1.00 55.72 ? 78 HOH B O     1 
HETATM 311 O O     . HOH D 2 . ? -0.767  -13.364 6.494   1.00 59.73 ? 79 HOH B O     1 
# 
